data_6VHE
#
_entry.id   6VHE
#
_cell.length_a   87.126
_cell.length_b   87.126
_cell.length_c   454.920
_cell.angle_alpha   90.000
_cell.angle_beta   90.000
_cell.angle_gamma   120.000
#
_symmetry.space_group_name_H-M   'P 61 2 2'
#
loop_
_entity.id
_entity.type
_entity.pdbx_description
1 polymer 'Esterase family protein'
2 non-polymer (2~{R})-2-phenylpiperidine-1-carbaldehyde
3 water water
#
_entity_poly.entity_id   1
_entity_poly.type   'polypeptide(L)'
_entity_poly.pdbx_seq_one_letter_code
;GPGAYISLNYHSPTIGMHQNLTVILPEDQSFFNSDTTVKPLKTLMLLHGLSSDETTYMRYTSIERYANEHKLAVIMPNVD
HSAYANMAYGHSYYDYILEVYDYVHQIFPLSKKRDDNFIAGHSMGGYGTIKFALTQGDKFAKAVPLSAVFEAQNLMDLEW
NDFSKEAIIGNLSSVKGTEHDPYYLLDKAVAEDKQIPKLLIMCGKQDFLYQDNLDFIDYLSRINVPYQFEDGPGDHDYAY
WDQAIKRAITWMVND
;
_entity_poly.pdbx_strand_id   A,B,C,D
#
# COMPACT_ATOMS: atom_id res chain seq x y z
N GLY A 1 -15.48 17.06 2.34
CA GLY A 1 -14.16 17.11 2.91
C GLY A 1 -13.38 15.83 2.71
N PRO A 2 -12.51 15.79 1.71
CA PRO A 2 -11.67 14.61 1.52
C PRO A 2 -10.30 14.83 2.12
N GLY A 3 -9.43 13.83 2.02
CA GLY A 3 -8.10 14.00 2.54
C GLY A 3 -7.18 12.96 1.95
N ALA A 4 -6.00 12.89 2.53
CA ALA A 4 -4.96 11.97 2.10
C ALA A 4 -4.90 10.79 3.04
N TYR A 5 -4.83 9.59 2.48
CA TYR A 5 -4.51 8.38 3.24
C TYR A 5 -3.09 7.97 2.90
N ILE A 6 -2.26 7.81 3.93
CA ILE A 6 -0.81 7.70 3.73
C ILE A 6 -0.27 6.49 4.47
N SER A 7 0.44 5.62 3.75
CA SER A 7 1.21 4.55 4.38
C SER A 7 2.68 4.93 4.32
N LEU A 8 3.34 4.92 5.48
CA LEU A 8 4.75 5.27 5.58
C LEU A 8 5.50 4.07 6.15
N ASN A 9 6.65 3.77 5.56
CA ASN A 9 7.54 2.75 6.11
C ASN A 9 8.94 3.35 6.18
N TYR A 10 9.45 3.52 7.39
CA TYR A 10 10.77 4.09 7.58
C TYR A 10 11.56 3.25 8.59
N HIS A 11 12.89 3.34 8.48
CA HIS A 11 13.76 2.68 9.44
C HIS A 11 13.83 3.50 10.72
N SER A 12 13.33 2.92 11.81
CA SER A 12 13.25 3.62 13.09
C SER A 12 14.56 3.50 13.84
N PRO A 13 15.21 4.59 14.20
CA PRO A 13 16.39 4.46 15.06
C PRO A 13 16.05 3.91 16.44
N THR A 14 14.82 4.12 16.92
CA THR A 14 14.47 3.66 18.25
C THR A 14 14.28 2.15 18.30
N ILE A 15 13.57 1.55 17.35
CA ILE A 15 13.33 0.11 17.45
C ILE A 15 14.21 -0.71 16.50
N GLY A 16 15.14 -0.06 15.80
CA GLY A 16 16.13 -0.79 15.02
C GLY A 16 15.59 -1.56 13.83
N MET A 17 14.53 -1.08 13.20
CA MET A 17 14.02 -1.81 12.03
C MET A 17 13.10 -0.90 11.24
N HIS A 18 12.90 -1.25 9.97
CA HIS A 18 11.79 -0.70 9.22
C HIS A 18 10.48 -1.11 9.87
N GLN A 19 9.51 -0.20 9.85
CA GLN A 19 8.20 -0.39 10.46
C GLN A 19 7.19 0.42 9.68
N ASN A 20 5.99 -0.12 9.48
CA ASN A 20 4.90 0.59 8.81
C ASN A 20 4.09 1.42 9.79
N LEU A 21 3.63 2.56 9.30
CA LEU A 21 2.83 3.56 10.03
C LEU A 21 1.79 4.08 9.06
N THR A 22 0.57 4.33 9.52
CA THR A 22 -0.41 4.95 8.62
C THR A 22 -0.86 6.29 9.17
N VAL A 23 -1.21 7.21 8.27
CA VAL A 23 -1.51 8.59 8.61
C VAL A 23 -2.70 9.04 7.78
N ILE A 24 -3.70 9.62 8.43
CA ILE A 24 -4.80 10.29 7.77
C ILE A 24 -4.51 11.78 7.85
N LEU A 25 -4.43 12.44 6.70
CA LEU A 25 -4.15 13.87 6.63
C LEU A 25 -5.30 14.53 5.90
N PRO A 26 -6.30 15.07 6.61
CA PRO A 26 -7.40 15.77 5.93
C PRO A 26 -6.87 16.92 5.11
N GLU A 27 -7.60 17.24 4.05
CA GLU A 27 -7.15 18.28 3.15
C GLU A 27 -7.44 19.65 3.74
N ASP A 28 -6.51 20.56 3.53
CA ASP A 28 -6.69 21.98 3.84
C ASP A 28 -6.35 22.76 2.58
N GLN A 29 -7.10 23.84 2.34
CA GLN A 29 -6.84 24.63 1.13
C GLN A 29 -5.42 25.16 1.09
N SER A 30 -4.82 25.43 2.25
CA SER A 30 -3.44 25.89 2.25
C SER A 30 -2.47 24.83 1.72
N PHE A 31 -2.85 23.55 1.75
CA PHE A 31 -1.97 22.50 1.22
C PHE A 31 -1.82 22.58 -0.31
N PHE A 32 -2.73 23.26 -1.01
CA PHE A 32 -2.71 23.38 -2.46
C PHE A 32 -2.33 24.77 -2.96
N ASN A 33 -2.13 25.74 -2.07
CA ASN A 33 -1.82 27.11 -2.45
C ASN A 33 -0.43 27.42 -1.92
N SER A 34 0.55 27.56 -2.82
CA SER A 34 1.92 27.82 -2.40
C SER A 34 2.13 29.24 -1.89
N ASP A 35 1.18 30.15 -2.11
CA ASP A 35 1.30 31.50 -1.55
C ASP A 35 0.86 31.58 -0.10
N THR A 36 0.22 30.54 0.42
CA THR A 36 -0.29 30.54 1.79
C THR A 36 0.63 29.75 2.71
N THR A 37 0.62 30.13 3.99
CA THR A 37 1.30 29.37 5.02
C THR A 37 0.45 28.18 5.42
N VAL A 38 1.10 27.02 5.56
CA VAL A 38 0.44 25.81 6.04
C VAL A 38 -0.25 26.10 7.36
N LYS A 39 -1.54 25.75 7.46
CA LYS A 39 -2.17 25.81 8.76
C LYS A 39 -2.06 24.44 9.40
N PRO A 40 -1.35 24.29 10.53
CA PRO A 40 -1.14 22.95 11.09
C PRO A 40 -2.43 22.37 11.64
N LEU A 41 -2.58 21.06 11.48
CA LEU A 41 -3.80 20.36 11.85
C LEU A 41 -3.76 19.85 13.28
N LYS A 42 -4.93 19.83 13.92
CA LYS A 42 -5.08 19.03 15.13
C LYS A 42 -4.77 17.58 14.81
N THR A 43 -4.24 16.87 15.80
CA THR A 43 -3.61 15.58 15.54
C THR A 43 -3.99 14.59 16.63
N LEU A 44 -4.39 13.39 16.22
CA LEU A 44 -4.71 12.31 17.15
C LEU A 44 -3.73 11.16 16.96
N MET A 45 -3.10 10.73 18.06
CA MET A 45 -2.33 9.50 18.08
C MET A 45 -3.29 8.37 18.47
N LEU A 46 -3.44 7.37 17.61
CA LEU A 46 -4.48 6.36 17.76
C LEU A 46 -3.83 4.98 17.82
N LEU A 47 -4.07 4.26 18.92
CA LEU A 47 -3.30 3.07 19.31
C LEU A 47 -4.15 1.81 19.20
N HIS A 48 -3.66 0.82 18.43
CA HIS A 48 -4.41 -0.41 18.21
C HIS A 48 -4.37 -1.34 19.42
N GLY A 49 -5.35 -2.26 19.46
CA GLY A 49 -5.39 -3.31 20.47
C GLY A 49 -4.56 -4.51 20.10
N LEU A 50 -4.57 -5.51 20.98
CA LEU A 50 -3.72 -6.68 20.78
C LEU A 50 -4.22 -7.48 19.60
N SER A 51 -3.30 -7.83 18.70
CA SER A 51 -3.48 -8.59 17.45
C SER A 51 -3.81 -7.67 16.28
N SER A 52 -4.10 -6.38 16.52
CA SER A 52 -4.28 -5.41 15.45
C SER A 52 -2.92 -4.80 15.08
N ASP A 53 -2.92 -3.92 14.08
CA ASP A 53 -1.67 -3.27 13.65
C ASP A 53 -2.03 -1.91 13.04
N GLU A 54 -1.11 -1.35 12.25
CA GLU A 54 -1.31 -0.03 11.69
C GLU A 54 -2.42 0.03 10.65
N THR A 55 -2.89 -1.11 10.13
CA THR A 55 -3.90 -1.10 9.06
C THR A 55 -5.32 -1.26 9.57
N THR A 56 -5.51 -1.74 10.80
CA THR A 56 -6.82 -2.32 11.08
C THR A 56 -7.86 -1.27 11.46
N TYR A 57 -7.46 -0.09 11.90
CA TYR A 57 -8.48 0.96 12.07
C TYR A 57 -9.06 1.39 10.73
N MET A 58 -8.22 1.57 9.71
N MET A 58 -8.22 1.53 9.71
CA MET A 58 -8.75 1.87 8.38
CA MET A 58 -8.73 1.87 8.39
C MET A 58 -9.68 0.77 7.91
C MET A 58 -9.63 0.77 7.85
N ARG A 59 -9.30 -0.49 8.14
CA ARG A 59 -10.04 -1.60 7.54
C ARG A 59 -11.39 -1.83 8.20
N TYR A 60 -11.47 -1.73 9.54
CA TYR A 60 -12.65 -2.21 10.25
C TYR A 60 -13.54 -1.10 10.78
N THR A 61 -13.17 0.17 10.57
CA THR A 61 -14.00 1.33 10.91
C THR A 61 -14.05 2.26 9.71
N SER A 62 -14.83 3.33 9.84
CA SER A 62 -14.85 4.39 8.83
C SER A 62 -14.06 5.61 9.31
N ILE A 63 -12.97 5.39 10.06
CA ILE A 63 -12.30 6.49 10.77
C ILE A 63 -11.90 7.64 9.83
N GLU A 64 -11.39 7.34 8.62
CA GLU A 64 -10.99 8.45 7.75
C GLU A 64 -12.16 9.37 7.43
N ARG A 65 -13.36 8.82 7.26
CA ARG A 65 -14.53 9.66 7.00
C ARG A 65 -14.85 10.56 8.20
N TYR A 66 -14.75 10.02 9.41
CA TYR A 66 -14.98 10.86 10.60
C TYR A 66 -13.90 11.92 10.74
N ALA A 67 -12.63 11.53 10.57
CA ALA A 67 -11.53 12.47 10.72
C ALA A 67 -11.58 13.59 9.69
N ASN A 68 -11.90 13.24 8.44
CA ASN A 68 -12.07 14.27 7.41
C ASN A 68 -13.13 15.27 7.79
N GLU A 69 -14.25 14.78 8.33
CA GLU A 69 -15.34 15.69 8.68
C GLU A 69 -14.89 16.72 9.68
N HIS A 70 -13.89 16.41 10.51
CA HIS A 70 -13.46 17.32 11.57
C HIS A 70 -12.03 17.82 11.39
N LYS A 71 -11.43 17.61 10.22
CA LYS A 71 -10.10 18.17 9.91
C LYS A 71 -9.04 17.68 10.89
N LEU A 72 -9.15 16.43 11.31
CA LEU A 72 -8.29 15.85 12.33
C LEU A 72 -7.30 14.90 11.67
N ALA A 73 -6.01 15.19 11.78
CA ALA A 73 -5.01 14.21 11.34
C ALA A 73 -4.94 13.08 12.35
N VAL A 74 -4.73 11.87 11.84
CA VAL A 74 -4.70 10.67 12.67
C VAL A 74 -3.45 9.89 12.36
N ILE A 75 -2.71 9.52 13.42
CA ILE A 75 -1.46 8.80 13.35
C ILE A 75 -1.70 7.41 13.93
N MET A 76 -1.41 6.37 13.16
CA MET A 76 -1.72 4.99 13.55
C MET A 76 -0.48 4.13 13.45
N PRO A 77 0.30 4.01 14.53
CA PRO A 77 1.50 3.18 14.48
C PRO A 77 1.22 1.71 14.75
N ASN A 78 2.27 0.89 14.68
CA ASN A 78 2.21 -0.54 14.95
C ASN A 78 3.16 -0.86 16.08
N VAL A 79 2.67 -1.53 17.12
CA VAL A 79 3.54 -1.89 18.25
C VAL A 79 3.40 -3.37 18.60
N ASP A 80 2.78 -4.16 17.71
CA ASP A 80 2.88 -5.62 17.88
C ASP A 80 2.20 -6.09 19.16
N HIS A 81 2.83 -6.98 19.93
CA HIS A 81 2.29 -7.48 21.19
C HIS A 81 2.92 -6.79 22.41
N SER A 82 3.36 -5.54 22.27
CA SER A 82 4.25 -4.95 23.24
C SER A 82 3.55 -4.27 24.41
N ALA A 83 2.23 -4.09 24.34
CA ALA A 83 1.50 -3.31 25.35
C ALA A 83 2.10 -1.92 25.54
N TYR A 84 2.74 -1.38 24.49
CA TYR A 84 3.24 -0.01 24.50
C TYR A 84 4.30 0.21 25.57
N ALA A 85 5.06 -0.84 25.87
CA ALA A 85 6.15 -0.77 26.84
C ALA A 85 7.50 -0.83 26.14
N ASN A 86 8.52 -0.27 26.78
CA ASN A 86 9.88 -0.69 26.45
C ASN A 86 10.07 -2.08 27.04
N MET A 87 10.05 -3.09 26.18
CA MET A 87 9.93 -4.47 26.62
C MET A 87 11.22 -4.97 27.27
N ALA A 88 11.07 -5.83 28.29
CA ALA A 88 12.24 -6.42 28.93
C ALA A 88 13.04 -7.26 27.92
N TYR A 89 12.34 -7.97 27.04
CA TYR A 89 12.98 -8.79 26.00
C TYR A 89 12.23 -8.52 24.71
N GLY A 90 12.65 -7.52 23.97
CA GLY A 90 11.90 -7.09 22.80
C GLY A 90 12.30 -5.72 22.31
N HIS A 91 11.34 -4.87 21.96
CA HIS A 91 11.61 -3.54 21.42
C HIS A 91 11.22 -2.45 22.41
N SER A 92 11.86 -1.28 22.22
CA SER A 92 11.59 -0.04 22.97
C SER A 92 10.32 0.65 22.44
N TYR A 93 9.17 0.00 22.66
CA TYR A 93 7.96 0.50 22.02
C TYR A 93 7.32 1.68 22.72
N TYR A 94 7.58 1.90 24.01
CA TYR A 94 7.16 3.15 24.64
C TYR A 94 7.89 4.33 24.01
N ASP A 95 9.24 4.26 23.97
CA ASP A 95 10.02 5.27 23.28
C ASP A 95 9.61 5.41 21.83
N TYR A 96 9.20 4.31 21.19
CA TYR A 96 8.83 4.38 19.77
C TYR A 96 7.64 5.30 19.54
N ILE A 97 6.62 5.22 20.40
CA ILE A 97 5.48 6.12 20.23
C ILE A 97 5.93 7.57 20.33
N LEU A 98 6.89 7.86 21.22
CA LEU A 98 7.40 9.22 21.33
C LEU A 98 8.18 9.63 20.09
N GLU A 99 8.94 8.70 19.52
CA GLU A 99 9.63 9.00 18.27
C GLU A 99 8.63 9.24 17.15
N VAL A 100 7.59 8.41 17.05
CA VAL A 100 6.58 8.62 16.01
C VAL A 100 5.96 9.99 16.15
N TYR A 101 5.56 10.35 17.38
CA TYR A 101 5.02 11.69 17.65
C TYR A 101 5.96 12.77 17.11
N ASP A 102 7.25 12.70 17.48
CA ASP A 102 8.20 13.73 17.02
C ASP A 102 8.34 13.70 15.50
N TYR A 103 8.47 12.51 14.92
CA TYR A 103 8.73 12.39 13.49
C TYR A 103 7.58 12.99 12.67
N VAL A 104 6.34 12.59 12.95
CA VAL A 104 5.23 13.08 12.11
C VAL A 104 5.01 14.57 12.33
N HIS A 105 5.27 15.08 13.54
CA HIS A 105 5.17 16.53 13.75
C HIS A 105 6.30 17.28 13.07
N GLN A 106 7.41 16.62 12.76
CA GLN A 106 8.48 17.29 12.02
C GLN A 106 8.21 17.27 10.51
N ILE A 107 7.70 16.15 9.98
CA ILE A 107 7.60 16.05 8.51
C ILE A 107 6.21 16.38 7.96
N PHE A 108 5.18 16.41 8.78
CA PHE A 108 3.83 16.75 8.33
C PHE A 108 3.36 18.07 8.94
N PRO A 109 2.36 18.76 8.33
CA PRO A 109 1.83 20.02 8.91
C PRO A 109 0.85 19.76 10.05
N LEU A 110 1.40 19.36 11.21
CA LEU A 110 0.63 19.03 12.39
C LEU A 110 0.89 20.04 13.49
N SER A 111 -0.16 20.49 14.15
CA SER A 111 0.04 21.43 15.26
C SER A 111 0.87 20.80 16.37
N LYS A 112 1.87 21.54 16.85
CA LYS A 112 2.67 21.11 17.98
C LYS A 112 2.10 21.59 19.31
N LYS A 113 1.01 22.35 19.28
CA LYS A 113 0.44 22.86 20.52
C LYS A 113 -0.25 21.74 21.29
N ARG A 114 -0.09 21.75 22.62
CA ARG A 114 -0.70 20.70 23.44
C ARG A 114 -2.21 20.65 23.25
N ASP A 115 -2.85 21.83 23.19
CA ASP A 115 -4.30 21.91 22.98
C ASP A 115 -4.76 21.26 21.68
N ASP A 116 -3.86 20.99 20.74
CA ASP A 116 -4.25 20.43 19.45
C ASP A 116 -3.85 18.97 19.30
N ASN A 117 -3.37 18.35 20.37
CA ASN A 117 -2.86 16.99 20.29
C ASN A 117 -3.63 16.09 21.23
N PHE A 118 -4.10 14.97 20.70
CA PHE A 118 -4.90 14.01 21.44
C PHE A 118 -4.31 12.62 21.29
N ILE A 119 -4.73 11.73 22.17
CA ILE A 119 -4.33 10.32 22.12
C ILE A 119 -5.53 9.46 22.48
N ALA A 120 -5.62 8.29 21.85
CA ALA A 120 -6.78 7.40 22.01
C ALA A 120 -6.38 6.02 21.53
N GLY A 121 -7.13 5.02 21.96
CA GLY A 121 -6.89 3.65 21.53
C GLY A 121 -7.79 2.71 22.29
N HIS A 122 -7.88 1.47 21.79
CA HIS A 122 -8.80 0.48 22.36
C HIS A 122 -8.04 -0.74 22.91
N SER A 123 -8.59 -1.33 23.97
CA SER A 123 -8.05 -2.51 24.66
C SER A 123 -6.61 -2.27 25.10
N MET A 124 -5.66 -3.06 24.55
CA MET A 124 -4.24 -2.79 24.78
C MET A 124 -3.88 -1.35 24.42
N GLY A 125 -4.56 -0.77 23.42
CA GLY A 125 -4.30 0.61 23.07
C GLY A 125 -4.97 1.60 24.00
N GLY A 126 -6.04 1.19 24.68
CA GLY A 126 -6.58 2.03 25.73
C GLY A 126 -5.65 2.04 26.94
N TYR A 127 -5.04 0.89 27.22
CA TYR A 127 -4.00 0.79 28.21
C TYR A 127 -2.80 1.67 27.86
N GLY A 128 -2.35 1.60 26.61
CA GLY A 128 -1.30 2.50 26.17
C GLY A 128 -1.70 3.95 26.26
N THR A 129 -2.94 4.27 25.87
CA THR A 129 -3.44 5.64 25.99
C THR A 129 -3.31 6.16 27.43
N ILE A 130 -3.80 5.40 28.40
CA ILE A 130 -3.77 5.89 29.78
C ILE A 130 -2.34 5.95 30.30
N LYS A 131 -1.45 5.07 29.83
CA LYS A 131 -0.05 5.15 30.23
C LYS A 131 0.60 6.44 29.72
N PHE A 132 0.40 6.78 28.44
CA PHE A 132 0.97 8.01 27.89
C PHE A 132 0.28 9.25 28.46
N ALA A 133 -1.04 9.17 28.70
CA ALA A 133 -1.73 10.27 29.35
C ALA A 133 -1.12 10.60 30.71
N LEU A 134 -0.73 9.58 31.47
CA LEU A 134 -0.27 9.83 32.82
C LEU A 134 1.24 10.01 32.92
N THR A 135 1.99 9.81 31.84
CA THR A 135 3.43 10.02 31.83
C THR A 135 3.88 11.06 30.82
N GLN A 136 3.04 11.42 29.85
CA GLN A 136 3.35 12.43 28.85
C GLN A 136 2.23 13.45 28.81
N GLY A 137 1.68 13.79 29.98
CA GLY A 137 0.54 14.68 30.06
C GLY A 137 0.77 16.06 29.47
N ASP A 138 2.03 16.44 29.22
CA ASP A 138 2.32 17.71 28.59
C ASP A 138 2.16 17.68 27.09
N LYS A 139 2.08 16.49 26.48
CA LYS A 139 1.98 16.35 25.04
C LYS A 139 0.55 16.25 24.53
N PHE A 140 -0.41 15.96 25.39
CA PHE A 140 -1.79 15.72 24.95
C PHE A 140 -2.75 16.47 25.85
N ALA A 141 -3.64 17.25 25.23
CA ALA A 141 -4.65 17.93 26.02
C ALA A 141 -5.83 17.02 26.37
N LYS A 142 -6.03 15.94 25.60
CA LYS A 142 -7.13 15.02 25.86
C LYS A 142 -6.68 13.60 25.53
N ALA A 143 -7.26 12.62 26.25
CA ALA A 143 -6.95 11.21 26.09
C ALA A 143 -8.23 10.40 26.13
N VAL A 144 -8.36 9.42 25.24
CA VAL A 144 -9.60 8.66 25.13
C VAL A 144 -9.30 7.16 25.15
N PRO A 145 -9.31 6.51 26.31
CA PRO A 145 -9.23 5.04 26.33
C PRO A 145 -10.58 4.41 26.00
N LEU A 146 -10.60 3.53 25.01
CA LEU A 146 -11.77 2.76 24.61
C LEU A 146 -11.62 1.32 25.06
N SER A 147 -12.60 0.80 25.80
CA SER A 147 -12.61 -0.61 26.21
C SER A 147 -11.24 -1.01 26.75
N ALA A 148 -10.68 -0.15 27.59
CA ALA A 148 -9.29 -0.29 27.95
C ALA A 148 -9.10 -1.25 29.10
N VAL A 149 -7.87 -1.71 29.26
CA VAL A 149 -7.44 -2.50 30.41
C VAL A 149 -6.77 -1.54 31.39
N PHE A 150 -7.33 -1.40 32.58
CA PHE A 150 -6.74 -0.54 33.59
C PHE A 150 -6.03 -1.35 34.66
N GLU A 151 -6.57 -2.50 35.02
CA GLU A 151 -5.86 -3.43 35.89
C GLU A 151 -4.93 -4.25 35.01
N ALA A 152 -3.66 -3.83 34.93
CA ALA A 152 -2.74 -4.44 33.99
C ALA A 152 -2.43 -5.89 34.29
N GLN A 153 -2.63 -6.35 35.53
CA GLN A 153 -2.34 -7.76 35.81
C GLN A 153 -3.19 -8.70 34.96
N ASN A 154 -4.26 -8.19 34.34
CA ASN A 154 -5.14 -8.99 33.51
C ASN A 154 -4.63 -9.14 32.08
N LEU A 155 -4.14 -8.05 31.48
CA LEU A 155 -3.47 -8.17 30.19
C LEU A 155 -2.25 -9.07 30.29
N MET A 156 -1.43 -8.86 31.31
CA MET A 156 -0.20 -9.64 31.45
C MET A 156 -0.49 -11.13 31.60
N ASP A 157 -1.53 -11.48 32.34
CA ASP A 157 -1.80 -12.90 32.56
C ASP A 157 -2.73 -13.50 31.51
N LEU A 158 -3.25 -12.67 30.59
CA LEU A 158 -4.03 -13.18 29.47
C LEU A 158 -3.25 -14.25 28.71
N GLU A 159 -3.93 -15.35 28.37
CA GLU A 159 -3.30 -16.41 27.57
C GLU A 159 -3.69 -16.29 26.09
N TRP A 160 -3.51 -15.09 25.53
CA TRP A 160 -3.86 -14.81 24.15
C TRP A 160 -2.90 -15.50 23.18
N ASN A 161 -3.40 -15.71 21.96
CA ASN A 161 -2.65 -16.40 20.91
C ASN A 161 -1.25 -15.82 20.76
N ASP A 162 -0.24 -16.66 21.05
CA ASP A 162 1.17 -16.35 20.86
C ASP A 162 1.67 -15.18 21.70
N PHE A 163 0.90 -14.72 22.69
CA PHE A 163 1.26 -13.55 23.47
C PHE A 163 2.25 -13.91 24.58
N SER A 164 3.28 -13.09 24.77
CA SER A 164 4.34 -13.37 25.76
C SER A 164 4.31 -12.30 26.86
N LYS A 165 3.89 -12.69 28.07
CA LYS A 165 3.96 -11.79 29.21
C LYS A 165 5.41 -11.41 29.51
N GLU A 166 6.29 -12.41 29.54
CA GLU A 166 7.68 -12.20 29.96
C GLU A 166 8.41 -11.28 29.00
N ALA A 167 8.10 -11.36 27.70
CA ALA A 167 8.68 -10.42 26.75
C ALA A 167 8.49 -8.99 27.23
N ILE A 168 7.31 -8.67 27.77
CA ILE A 168 7.04 -7.29 28.18
C ILE A 168 7.70 -6.99 29.51
N ILE A 169 7.46 -7.83 30.52
CA ILE A 169 7.78 -7.50 31.90
C ILE A 169 8.89 -8.36 32.49
N GLY A 170 9.45 -9.30 31.73
CA GLY A 170 10.53 -10.09 32.29
C GLY A 170 10.02 -11.03 33.35
N ASN A 171 10.74 -11.13 34.45
CA ASN A 171 10.37 -12.06 35.51
C ASN A 171 9.67 -11.35 36.68
N LEU A 172 8.98 -10.24 36.41
CA LEU A 172 8.17 -9.62 37.44
C LEU A 172 7.01 -10.52 37.84
N SER A 173 6.84 -10.72 39.14
CA SER A 173 5.72 -11.52 39.60
C SER A 173 4.42 -10.75 39.46
N SER A 174 4.42 -9.46 39.82
CA SER A 174 3.24 -8.62 39.72
C SER A 174 3.63 -7.27 39.13
N VAL A 175 2.72 -6.70 38.34
CA VAL A 175 2.95 -5.36 37.80
C VAL A 175 2.52 -4.28 38.78
N LYS A 176 1.91 -4.65 39.90
CA LYS A 176 1.34 -3.64 40.79
C LYS A 176 2.42 -2.73 41.34
N GLY A 177 2.15 -1.43 41.32
CA GLY A 177 3.12 -0.47 41.79
C GLY A 177 4.33 -0.27 40.91
N THR A 178 4.29 -0.71 39.67
CA THR A 178 5.36 -0.47 38.71
C THR A 178 4.86 0.46 37.62
N GLU A 179 5.74 0.74 36.66
CA GLU A 179 5.39 1.59 35.52
C GLU A 179 4.38 0.91 34.59
N HIS A 180 4.17 -0.39 34.74
CA HIS A 180 3.16 -1.13 33.98
C HIS A 180 1.77 -0.99 34.59
N ASP A 181 1.66 -0.33 35.74
CA ASP A 181 0.41 -0.24 36.49
C ASP A 181 -0.20 1.14 36.34
N PRO A 182 -1.36 1.29 35.68
CA PRO A 182 -1.96 2.63 35.54
C PRO A 182 -2.37 3.25 36.88
N TYR A 183 -2.67 2.45 37.89
CA TYR A 183 -3.00 3.04 39.19
C TYR A 183 -1.76 3.67 39.84
N TYR A 184 -0.60 3.06 39.67
CA TYR A 184 0.63 3.68 40.16
C TYR A 184 0.95 4.95 39.37
N LEU A 185 0.85 4.89 38.04
CA LEU A 185 1.07 6.07 37.22
C LEU A 185 0.12 7.19 37.61
N LEU A 186 -1.12 6.86 37.95
CA LEU A 186 -2.10 7.87 38.33
C LEU A 186 -1.75 8.48 39.68
N ASP A 187 -1.44 7.65 40.67
CA ASP A 187 -1.01 8.19 41.96
C ASP A 187 0.21 9.08 41.78
N LYS A 188 1.17 8.63 40.96
CA LYS A 188 2.40 9.39 40.76
C LYS A 188 2.12 10.72 40.07
N ALA A 189 1.29 10.71 39.02
CA ALA A 189 0.96 11.96 38.34
C ALA A 189 0.31 12.96 39.29
N VAL A 190 -0.62 12.49 40.14
CA VAL A 190 -1.28 13.39 41.06
C VAL A 190 -0.29 13.91 42.10
N ALA A 191 0.58 13.03 42.59
CA ALA A 191 1.53 13.44 43.63
C ALA A 191 2.59 14.39 43.07
N GLU A 192 2.90 14.31 41.78
CA GLU A 192 3.89 15.21 41.19
C GLU A 192 3.25 16.40 40.49
N ASP A 193 1.93 16.57 40.63
CA ASP A 193 1.23 17.74 40.10
C ASP A 193 1.46 17.89 38.60
N LYS A 194 1.31 16.79 37.88
CA LYS A 194 1.39 16.84 36.42
C LYS A 194 0.02 17.18 35.84
N GLN A 195 0.02 17.78 34.66
CA GLN A 195 -1.23 17.92 33.93
C GLN A 195 -1.73 16.55 33.53
N ILE A 196 -2.99 16.27 33.84
CA ILE A 196 -3.67 15.07 33.36
C ILE A 196 -4.56 15.49 32.19
N PRO A 197 -4.37 14.93 31.01
CA PRO A 197 -5.27 15.24 29.89
C PRO A 197 -6.71 15.00 30.29
N LYS A 198 -7.61 15.81 29.72
CA LYS A 198 -9.04 15.55 29.83
C LYS A 198 -9.33 14.13 29.38
N LEU A 199 -10.01 13.37 30.24
CA LEU A 199 -10.27 11.96 30.00
C LEU A 199 -11.71 11.75 29.53
N LEU A 200 -11.86 11.12 28.38
CA LEU A 200 -13.11 10.52 27.95
C LEU A 200 -12.88 9.01 27.90
N ILE A 201 -13.53 8.27 28.79
CA ILE A 201 -13.35 6.82 28.90
C ILE A 201 -14.62 6.16 28.40
N MET A 202 -14.48 5.22 27.47
CA MET A 202 -15.65 4.60 26.84
C MET A 202 -15.56 3.08 26.92
N CYS A 203 -16.68 2.44 27.23
CA CYS A 203 -16.71 0.98 27.28
C CYS A 203 -18.14 0.50 27.11
N GLY A 204 -18.33 -0.49 26.22
CA GLY A 204 -19.63 -1.11 26.11
C GLY A 204 -19.98 -1.95 27.33
N LYS A 205 -21.28 -1.99 27.65
CA LYS A 205 -21.73 -2.66 28.87
C LYS A 205 -21.66 -4.18 28.80
N GLN A 206 -21.54 -4.74 27.59
CA GLN A 206 -21.38 -6.18 27.45
C GLN A 206 -19.92 -6.58 27.36
N ASP A 207 -19.02 -5.60 27.36
CA ASP A 207 -17.59 -5.87 27.31
C ASP A 207 -17.16 -6.52 28.62
N PHE A 208 -16.36 -7.59 28.52
CA PHE A 208 -15.90 -8.22 29.75
C PHE A 208 -14.95 -7.32 30.53
N LEU A 209 -14.47 -6.23 29.94
CA LEU A 209 -13.66 -5.26 30.66
C LEU A 209 -14.51 -4.18 31.34
N TYR A 210 -15.85 -4.30 31.30
CA TYR A 210 -16.70 -3.24 31.81
C TYR A 210 -16.45 -2.98 33.30
N GLN A 211 -16.41 -4.04 34.10
CA GLN A 211 -16.18 -3.86 35.53
C GLN A 211 -14.81 -3.25 35.79
N ASP A 212 -13.79 -3.73 35.08
CA ASP A 212 -12.46 -3.14 35.14
C ASP A 212 -12.53 -1.63 34.90
N ASN A 213 -13.32 -1.19 33.92
CA ASN A 213 -13.49 0.24 33.67
C ASN A 213 -14.20 0.92 34.83
N LEU A 214 -15.29 0.31 35.31
CA LEU A 214 -16.02 0.87 36.46
C LEU A 214 -15.11 1.03 37.66
N ASP A 215 -14.20 0.07 37.88
CA ASP A 215 -13.29 0.17 39.01
C ASP A 215 -12.35 1.36 38.85
N PHE A 216 -11.89 1.62 37.63
CA PHE A 216 -10.91 2.68 37.43
C PHE A 216 -11.55 4.05 37.58
N ILE A 217 -12.74 4.25 37.00
CA ILE A 217 -13.38 5.55 37.18
C ILE A 217 -13.82 5.75 38.62
N ASP A 218 -14.19 4.68 39.31
CA ASP A 218 -14.48 4.79 40.75
C ASP A 218 -13.26 5.32 41.49
N TYR A 219 -12.07 4.83 41.13
CA TYR A 219 -10.85 5.31 41.77
C TYR A 219 -10.56 6.76 41.41
N LEU A 220 -10.70 7.11 40.13
CA LEU A 220 -10.57 8.50 39.70
C LEU A 220 -11.47 9.41 40.55
N SER A 221 -12.74 9.03 40.71
CA SER A 221 -13.64 9.83 41.51
C SER A 221 -13.14 9.96 42.94
N ARG A 222 -12.60 8.88 43.50
CA ARG A 222 -12.20 8.90 44.91
C ARG A 222 -10.95 9.75 45.15
N ILE A 223 -10.18 10.07 44.12
CA ILE A 223 -9.02 10.93 44.25
C ILE A 223 -9.23 12.28 43.53
N ASN A 224 -10.48 12.63 43.21
CA ASN A 224 -10.85 13.96 42.72
C ASN A 224 -10.17 14.32 41.40
N VAL A 225 -10.04 13.36 40.51
CA VAL A 225 -9.57 13.60 39.14
C VAL A 225 -10.78 13.57 38.20
N PRO A 226 -11.00 14.61 37.41
CA PRO A 226 -12.19 14.62 36.54
C PRO A 226 -12.07 13.65 35.38
N TYR A 227 -13.24 13.26 34.87
CA TYR A 227 -13.33 12.41 33.69
C TYR A 227 -14.76 12.43 33.20
N GLN A 228 -14.92 12.06 31.93
CA GLN A 228 -16.21 11.78 31.33
C GLN A 228 -16.22 10.29 31.02
N PHE A 229 -17.30 9.61 31.37
CA PHE A 229 -17.42 8.18 31.13
C PHE A 229 -18.69 7.94 30.33
N GLU A 230 -18.55 7.28 29.20
CA GLU A 230 -19.68 6.99 28.34
C GLU A 230 -19.74 5.48 28.15
N ASP A 231 -20.85 4.88 28.57
CA ASP A 231 -21.13 3.49 28.28
C ASP A 231 -22.48 3.42 27.58
N GLY A 232 -22.91 2.19 27.35
CA GLY A 232 -24.08 1.93 26.54
C GLY A 232 -23.91 0.56 25.94
N PRO A 233 -24.89 0.11 25.16
CA PRO A 233 -24.78 -1.20 24.53
C PRO A 233 -23.51 -1.29 23.68
N GLY A 234 -22.86 -2.45 23.74
CA GLY A 234 -21.64 -2.62 22.99
C GLY A 234 -20.77 -3.71 23.57
N ASP A 235 -20.04 -4.39 22.71
CA ASP A 235 -19.14 -5.46 23.14
C ASP A 235 -17.71 -5.07 22.83
N HIS A 236 -16.82 -6.05 22.94
CA HIS A 236 -15.39 -5.82 22.72
C HIS A 236 -15.05 -6.11 21.26
N ASP A 237 -15.46 -5.20 20.36
CA ASP A 237 -15.24 -5.46 18.94
C ASP A 237 -15.25 -4.15 18.14
N TYR A 238 -14.92 -4.28 16.85
CA TYR A 238 -14.78 -3.12 15.99
C TYR A 238 -16.11 -2.50 15.60
N ALA A 239 -17.22 -3.25 15.69
CA ALA A 239 -18.52 -2.59 15.58
C ALA A 239 -18.64 -1.52 16.64
N TYR A 240 -18.24 -1.83 17.87
CA TYR A 240 -18.30 -0.84 18.94
C TYR A 240 -17.27 0.27 18.74
N TRP A 241 -16.01 -0.09 18.43
CA TRP A 241 -14.98 0.94 18.33
C TRP A 241 -15.23 1.89 17.16
N ASP A 242 -15.85 1.41 16.08
CA ASP A 242 -16.23 2.29 14.97
C ASP A 242 -17.17 3.40 15.46
N GLN A 243 -18.27 3.01 16.11
CA GLN A 243 -19.18 3.98 16.73
C GLN A 243 -18.47 4.86 17.74
N ALA A 244 -17.64 4.27 18.61
CA ALA A 244 -17.04 5.04 19.70
C ALA A 244 -15.98 6.02 19.22
N ILE A 245 -15.17 5.62 18.23
CA ILE A 245 -14.16 6.56 17.74
C ILE A 245 -14.83 7.72 17.01
N LYS A 246 -16.00 7.50 16.40
CA LYS A 246 -16.71 8.62 15.76
C LYS A 246 -17.15 9.63 16.81
N ARG A 247 -17.73 9.15 17.91
CA ARG A 247 -18.09 10.03 19.01
C ARG A 247 -16.85 10.63 19.67
N ALA A 248 -15.78 9.84 19.83
CA ALA A 248 -14.59 10.39 20.48
C ALA A 248 -13.98 11.52 19.66
N ILE A 249 -13.97 11.37 18.34
CA ILE A 249 -13.40 12.40 17.47
C ILE A 249 -14.17 13.70 17.59
N THR A 250 -15.50 13.62 17.67
CA THR A 250 -16.30 14.83 17.78
C THR A 250 -16.02 15.53 19.10
N TRP A 251 -15.91 14.75 20.16
CA TRP A 251 -15.63 15.29 21.48
C TRP A 251 -14.25 15.94 21.54
N MET A 252 -13.26 15.35 20.87
CA MET A 252 -11.93 15.93 21.03
C MET A 252 -11.74 17.23 20.25
N VAL A 253 -12.35 17.40 19.07
CA VAL A 253 -12.10 18.63 18.33
C VAL A 253 -12.98 19.80 18.75
N ASN A 254 -14.04 19.56 19.52
CA ASN A 254 -14.86 20.65 20.03
C ASN A 254 -14.48 20.96 21.47
N ASP A 255 -14.97 22.08 21.97
CA ASP A 255 -14.74 22.43 23.38
C ASP A 255 -15.96 23.07 24.02
N GLY B 1 8.75 -9.50 -19.61
CA GLY B 1 7.34 -9.48 -19.29
C GLY B 1 7.06 -9.03 -17.87
N PRO B 2 5.90 -8.42 -17.63
CA PRO B 2 5.60 -7.87 -16.30
C PRO B 2 4.79 -8.81 -15.44
N GLY B 3 4.29 -8.30 -14.32
CA GLY B 3 3.52 -9.12 -13.42
C GLY B 3 2.86 -8.30 -12.33
N ALA B 4 2.44 -8.97 -11.27
CA ALA B 4 1.72 -8.38 -10.17
C ALA B 4 2.64 -8.20 -8.97
N TYR B 5 2.65 -7.00 -8.41
CA TYR B 5 3.25 -6.74 -7.10
C TYR B 5 2.12 -6.67 -6.09
N ILE B 6 2.23 -7.44 -5.01
CA ILE B 6 1.10 -7.70 -4.14
C ILE B 6 1.49 -7.49 -2.70
N SER B 7 0.78 -6.59 -2.00
CA SER B 7 0.91 -6.40 -0.56
C SER B 7 -0.29 -7.05 0.11
N LEU B 8 -0.03 -7.97 1.04
CA LEU B 8 -1.08 -8.67 1.77
C LEU B 8 -0.92 -8.41 3.25
N ASN B 9 -2.04 -8.26 3.95
CA ASN B 9 -2.05 -8.19 5.41
C ASN B 9 -3.18 -9.08 5.90
N TYR B 10 -2.83 -10.15 6.61
CA TYR B 10 -3.85 -11.04 7.18
C TYR B 10 -3.53 -11.31 8.66
N HIS B 11 -4.57 -11.61 9.42
CA HIS B 11 -4.39 -11.97 10.82
C HIS B 11 -3.91 -13.42 10.88
N SER B 12 -2.69 -13.62 11.36
CA SER B 12 -2.08 -14.94 11.34
C SER B 12 -2.47 -15.72 12.59
N PRO B 13 -3.05 -16.93 12.48
CA PRO B 13 -3.30 -17.71 13.70
C PRO B 13 -2.01 -18.15 14.39
N THR B 14 -0.91 -18.25 13.66
CA THR B 14 0.33 -18.70 14.27
C THR B 14 0.93 -17.63 15.19
N ILE B 15 1.05 -16.38 14.70
CA ILE B 15 1.69 -15.35 15.51
C ILE B 15 0.68 -14.44 16.22
N GLY B 16 -0.62 -14.71 16.07
CA GLY B 16 -1.61 -14.00 16.88
C GLY B 16 -1.72 -12.52 16.58
N MET B 17 -1.57 -12.12 15.31
CA MET B 17 -1.72 -10.71 14.97
C MET B 17 -1.79 -10.56 13.47
N HIS B 18 -2.35 -9.42 13.05
CA HIS B 18 -2.19 -8.98 11.66
C HIS B 18 -0.72 -8.75 11.36
N GLN B 19 -0.32 -9.07 10.13
CA GLN B 19 1.07 -8.98 9.71
C GLN B 19 1.08 -8.76 8.19
N ASN B 20 2.01 -7.92 7.71
CA ASN B 20 2.15 -7.65 6.28
C ASN B 20 3.12 -8.63 5.62
N LEU B 21 2.83 -8.91 4.36
CA LEU B 21 3.58 -9.83 3.53
C LEU B 21 3.55 -9.26 2.11
N THR B 22 4.64 -9.37 1.36
CA THR B 22 4.61 -8.97 -0.05
C THR B 22 4.89 -10.16 -0.96
N VAL B 23 4.29 -10.13 -2.16
CA VAL B 23 4.36 -11.23 -3.10
C VAL B 23 4.58 -10.67 -4.49
N ILE B 24 5.59 -11.19 -5.20
CA ILE B 24 5.77 -10.93 -6.62
C ILE B 24 5.13 -12.10 -7.36
N LEU B 25 4.23 -11.81 -8.29
CA LEU B 25 3.51 -12.87 -9.02
C LEU B 25 3.61 -12.58 -10.52
N PRO B 26 4.62 -13.13 -11.19
CA PRO B 26 4.78 -12.88 -12.62
C PRO B 26 3.56 -13.35 -13.42
N GLU B 27 3.40 -12.73 -14.58
CA GLU B 27 2.24 -12.99 -15.40
C GLU B 27 2.37 -14.32 -16.11
N ASP B 28 1.24 -15.03 -16.21
CA ASP B 28 1.11 -16.19 -17.08
C ASP B 28 -0.13 -16.02 -17.93
N GLN B 29 -0.07 -16.50 -19.18
CA GLN B 29 -1.24 -16.35 -20.05
C GLN B 29 -2.47 -17.03 -19.45
N SER B 30 -2.27 -18.13 -18.71
CA SER B 30 -3.42 -18.83 -18.15
C SER B 30 -4.13 -18.00 -17.08
N PHE B 31 -3.45 -17.02 -16.49
CA PHE B 31 -4.10 -16.18 -15.48
C PHE B 31 -5.18 -15.30 -16.10
N PHE B 32 -5.16 -15.09 -17.41
CA PHE B 32 -6.11 -14.23 -18.10
C PHE B 32 -7.10 -14.98 -18.98
N ASN B 33 -7.06 -16.31 -19.01
CA ASN B 33 -7.96 -17.11 -19.85
C ASN B 33 -8.78 -18.02 -18.96
N SER B 34 -10.08 -17.70 -18.83
CA SER B 34 -10.94 -18.42 -17.89
C SER B 34 -11.08 -19.90 -18.22
N ASP B 35 -10.79 -20.31 -19.44
CA ASP B 35 -10.96 -21.69 -19.85
C ASP B 35 -9.67 -22.50 -19.78
N THR B 36 -8.60 -21.94 -19.22
CA THR B 36 -7.32 -22.61 -19.10
C THR B 36 -7.05 -22.97 -17.64
N THR B 37 -6.53 -24.17 -17.43
CA THR B 37 -6.00 -24.56 -16.13
C THR B 37 -4.80 -23.71 -15.78
N VAL B 38 -4.87 -23.00 -14.65
CA VAL B 38 -3.75 -22.16 -14.25
C VAL B 38 -2.50 -23.03 -14.13
N LYS B 39 -1.39 -22.54 -14.70
CA LYS B 39 -0.15 -23.29 -14.61
C LYS B 39 0.66 -22.79 -13.43
N PRO B 40 0.95 -23.65 -12.44
CA PRO B 40 1.59 -23.18 -11.21
C PRO B 40 3.02 -22.74 -11.42
N LEU B 41 3.40 -21.64 -10.76
CA LEU B 41 4.69 -21.01 -10.88
C LEU B 41 5.70 -21.57 -9.89
N LYS B 42 6.96 -21.64 -10.32
CA LYS B 42 8.07 -21.82 -9.39
C LYS B 42 8.07 -20.69 -8.36
N THR B 43 8.47 -21.01 -7.13
CA THR B 43 8.26 -20.13 -5.99
C THR B 43 9.50 -20.04 -5.12
N LEU B 44 9.88 -18.80 -4.79
CA LEU B 44 11.00 -18.49 -3.93
C LEU B 44 10.49 -17.87 -2.63
N MET B 45 10.86 -18.47 -1.50
CA MET B 45 10.66 -17.84 -0.21
C MET B 45 11.91 -17.01 0.11
N LEU B 46 11.75 -15.70 0.29
CA LEU B 46 12.86 -14.76 0.37
C LEU B 46 12.83 -14.05 1.72
N LEU B 47 13.91 -14.20 2.49
CA LEU B 47 13.94 -13.85 3.91
C LEU B 47 14.84 -12.63 4.14
N HIS B 48 14.27 -11.60 4.77
CA HIS B 48 15.03 -10.38 5.02
C HIS B 48 16.04 -10.56 6.15
N GLY B 49 17.02 -9.67 6.20
CA GLY B 49 18.00 -9.63 7.27
C GLY B 49 17.52 -8.75 8.41
N LEU B 50 18.37 -8.63 9.43
CA LEU B 50 18.00 -7.85 10.60
C LEU B 50 17.89 -6.38 10.23
N SER B 51 16.78 -5.76 10.70
CA SER B 51 16.36 -4.36 10.53
C SER B 51 15.55 -4.18 9.26
N SER B 52 15.50 -5.17 8.38
CA SER B 52 14.76 -5.11 7.13
C SER B 52 13.34 -5.64 7.40
N ASP B 53 12.46 -5.55 6.42
CA ASP B 53 11.11 -6.10 6.60
C ASP B 53 10.58 -6.55 5.23
N GLU B 54 9.26 -6.71 5.12
CA GLU B 54 8.69 -7.28 3.89
C GLU B 54 8.78 -6.32 2.71
N THR B 55 9.12 -5.05 2.93
CA THR B 55 9.17 -4.06 1.86
C THR B 55 10.58 -3.83 1.32
N THR B 56 11.62 -4.28 2.01
CA THR B 56 12.94 -3.73 1.70
C THR B 56 13.62 -4.38 0.52
N TYR B 57 13.29 -5.62 0.17
CA TYR B 57 13.82 -6.16 -1.09
C TYR B 57 13.25 -5.41 -2.29
N MET B 58 11.94 -5.11 -2.27
N MET B 58 11.94 -5.15 -2.30
CA MET B 58 11.36 -4.33 -3.35
CA MET B 58 11.37 -4.32 -3.35
C MET B 58 11.94 -2.93 -3.43
C MET B 58 12.10 -2.98 -3.44
N ARG B 59 12.28 -2.33 -2.29
CA ARG B 59 12.76 -0.96 -2.30
C ARG B 59 14.22 -0.84 -2.70
N TYR B 60 15.07 -1.74 -2.22
CA TYR B 60 16.50 -1.51 -2.35
C TYR B 60 17.16 -2.39 -3.42
N THR B 61 16.38 -3.22 -4.12
CA THR B 61 16.86 -4.01 -5.26
C THR B 61 15.87 -3.88 -6.41
N SER B 62 16.21 -4.48 -7.55
CA SER B 62 15.32 -4.62 -8.69
C SER B 62 14.71 -6.00 -8.76
N ILE B 63 14.44 -6.63 -7.60
CA ILE B 63 14.14 -8.06 -7.60
C ILE B 63 12.95 -8.39 -8.50
N GLU B 64 11.90 -7.56 -8.50
CA GLU B 64 10.72 -7.88 -9.33
C GLU B 64 11.09 -7.99 -10.80
N ARG B 65 12.02 -7.15 -11.26
CA ARG B 65 12.45 -7.22 -12.64
C ARG B 65 13.17 -8.54 -12.93
N TYR B 66 14.02 -8.99 -12.00
CA TYR B 66 14.69 -10.28 -12.18
C TYR B 66 13.69 -11.43 -12.12
N ALA B 67 12.74 -11.38 -11.18
CA ALA B 67 11.81 -12.50 -11.02
C ALA B 67 10.86 -12.60 -12.20
N ASN B 68 10.37 -11.46 -12.69
CA ASN B 68 9.54 -11.45 -13.88
C ASN B 68 10.26 -12.09 -15.05
N GLU B 69 11.55 -11.78 -15.21
CA GLU B 69 12.32 -12.31 -16.33
C GLU B 69 12.36 -13.83 -16.32
N HIS B 70 12.27 -14.45 -15.15
CA HIS B 70 12.33 -15.91 -15.04
C HIS B 70 11.03 -16.53 -14.55
N LYS B 71 9.93 -15.79 -14.60
CA LYS B 71 8.61 -16.25 -14.18
C LYS B 71 8.64 -16.91 -12.80
N LEU B 72 9.33 -16.26 -11.87
CA LEU B 72 9.50 -16.77 -10.52
C LEU B 72 8.64 -15.95 -9.57
N ALA B 73 7.71 -16.63 -8.89
CA ALA B 73 6.99 -16.00 -7.79
C ALA B 73 7.91 -15.89 -6.58
N VAL B 74 7.80 -14.77 -5.85
CA VAL B 74 8.67 -14.46 -4.71
C VAL B 74 7.79 -14.05 -3.53
N ILE B 75 8.04 -14.68 -2.38
CA ILE B 75 7.27 -14.47 -1.15
C ILE B 75 8.21 -13.81 -0.15
N MET B 76 7.84 -12.64 0.34
CA MET B 76 8.70 -11.86 1.23
C MET B 76 7.94 -11.57 2.53
N PRO B 77 8.11 -12.41 3.55
CA PRO B 77 7.45 -12.18 4.83
C PRO B 77 8.26 -11.23 5.72
N ASN B 78 7.66 -10.88 6.85
CA ASN B 78 8.27 -10.01 7.87
C ASN B 78 8.38 -10.80 9.17
N VAL B 79 9.60 -10.91 9.73
CA VAL B 79 9.77 -11.64 10.99
C VAL B 79 10.50 -10.80 12.03
N ASP B 80 10.61 -9.49 11.80
CA ASP B 80 11.04 -8.57 12.88
C ASP B 80 12.48 -8.90 13.29
N HIS B 81 12.77 -9.00 14.59
CA HIS B 81 14.11 -9.27 15.12
C HIS B 81 14.27 -10.72 15.57
N SER B 82 13.46 -11.63 15.04
CA SER B 82 13.27 -12.95 15.62
C SER B 82 14.33 -13.97 15.22
N ALA B 83 15.17 -13.66 14.23
CA ALA B 83 16.11 -14.64 13.67
C ALA B 83 15.38 -15.92 13.21
N TYR B 84 14.13 -15.78 12.77
CA TYR B 84 13.36 -16.90 12.21
C TYR B 84 13.21 -18.05 13.20
N ALA B 85 13.20 -17.75 14.50
CA ALA B 85 13.03 -18.75 15.54
C ALA B 85 11.62 -18.65 16.13
N ASN B 86 11.15 -19.77 16.65
CA ASN B 86 10.07 -19.75 17.65
C ASN B 86 10.68 -19.17 18.93
N MET B 87 10.41 -17.89 19.20
CA MET B 87 11.15 -17.17 20.22
C MET B 87 10.79 -17.62 21.64
N ALA B 88 11.81 -17.61 22.51
CA ALA B 88 11.58 -17.91 23.92
C ALA B 88 10.60 -16.93 24.53
N TYR B 89 10.77 -15.63 24.25
CA TYR B 89 9.87 -14.58 24.72
C TYR B 89 9.53 -13.72 23.50
N GLY B 90 8.48 -14.09 22.78
CA GLY B 90 8.14 -13.39 21.56
C GLY B 90 7.13 -14.16 20.74
N HIS B 91 7.34 -14.23 19.42
CA HIS B 91 6.40 -14.87 18.53
C HIS B 91 6.98 -16.17 17.99
N SER B 92 6.06 -17.01 17.50
CA SER B 92 6.39 -18.31 16.92
C SER B 92 6.77 -18.14 15.45
N TYR B 93 7.93 -17.50 15.21
CA TYR B 93 8.23 -17.05 13.87
C TYR B 93 8.79 -18.15 12.97
N TYR B 94 9.40 -19.20 13.53
CA TYR B 94 9.72 -20.38 12.74
C TYR B 94 8.44 -21.01 12.19
N ASP B 95 7.47 -21.29 13.07
CA ASP B 95 6.18 -21.80 12.61
C ASP B 95 5.53 -20.83 11.64
N TYR B 96 5.74 -19.52 11.82
CA TYR B 96 5.13 -18.54 10.92
C TYR B 96 5.58 -18.73 9.48
N ILE B 97 6.89 -18.94 9.25
CA ILE B 97 7.35 -19.15 7.88
C ILE B 97 6.62 -20.34 7.24
N LEU B 98 6.43 -21.43 8.00
CA LEU B 98 5.72 -22.58 7.44
C LEU B 98 4.27 -22.25 7.15
N GLU B 99 3.65 -21.43 8.00
CA GLU B 99 2.28 -21.00 7.74
C GLU B 99 2.21 -20.18 6.45
N VAL B 100 3.13 -19.22 6.29
CA VAL B 100 3.13 -18.37 5.10
C VAL B 100 3.32 -19.23 3.85
N TYR B 101 4.26 -20.16 3.91
CA TYR B 101 4.44 -21.11 2.81
C TYR B 101 3.12 -21.80 2.46
N ASP B 102 2.45 -22.39 3.45
CA ASP B 102 1.20 -23.08 3.15
C ASP B 102 0.14 -22.12 2.63
N TYR B 103 0.04 -20.94 3.23
CA TYR B 103 -1.01 -19.98 2.88
C TYR B 103 -0.88 -19.51 1.43
N VAL B 104 0.34 -19.11 1.02
CA VAL B 104 0.48 -18.59 -0.34
C VAL B 104 0.35 -19.71 -1.36
N HIS B 105 0.68 -20.95 -0.99
CA HIS B 105 0.50 -22.05 -1.93
C HIS B 105 -0.96 -22.44 -2.05
N GLN B 106 -1.80 -22.11 -1.06
CA GLN B 106 -3.23 -22.35 -1.20
C GLN B 106 -3.93 -21.23 -1.98
N ILE B 107 -3.59 -19.96 -1.72
CA ILE B 107 -4.36 -18.86 -2.30
C ILE B 107 -3.75 -18.31 -3.59
N PHE B 108 -2.53 -18.67 -3.94
CA PHE B 108 -1.95 -18.25 -5.21
C PHE B 108 -1.65 -19.46 -6.08
N PRO B 109 -1.54 -19.27 -7.41
CA PRO B 109 -1.21 -20.42 -8.29
C PRO B 109 0.28 -20.73 -8.24
N LEU B 110 0.70 -21.31 -7.12
CA LEU B 110 2.09 -21.61 -6.84
C LEU B 110 2.28 -23.12 -6.84
N SER B 111 3.33 -23.58 -7.51
CA SER B 111 3.60 -25.01 -7.56
C SER B 111 3.97 -25.52 -6.17
N LYS B 112 3.43 -26.69 -5.83
CA LYS B 112 3.76 -27.37 -4.59
C LYS B 112 4.87 -28.40 -4.76
N LYS B 113 5.32 -28.64 -5.99
CA LYS B 113 6.43 -29.57 -6.23
C LYS B 113 7.69 -29.10 -5.51
N ARG B 114 8.37 -30.05 -4.85
CA ARG B 114 9.64 -29.70 -4.19
C ARG B 114 10.62 -29.06 -5.16
N ASP B 115 10.73 -29.60 -6.37
CA ASP B 115 11.66 -29.10 -7.39
C ASP B 115 11.34 -27.69 -7.84
N ASP B 116 10.16 -27.18 -7.51
CA ASP B 116 9.74 -25.85 -7.94
C ASP B 116 9.82 -24.82 -6.83
N ASN B 117 10.25 -25.19 -5.62
CA ASN B 117 10.26 -24.28 -4.48
C ASN B 117 11.67 -24.11 -3.94
N PHE B 118 12.04 -22.84 -3.72
CA PHE B 118 13.38 -22.47 -3.29
C PHE B 118 13.26 -21.52 -2.12
N ILE B 119 14.37 -21.32 -1.42
CA ILE B 119 14.41 -20.39 -0.30
C ILE B 119 15.76 -19.67 -0.33
N ALA B 120 15.76 -18.40 0.07
CA ALA B 120 16.98 -17.58 0.07
C ALA B 120 16.79 -16.41 1.04
N GLY B 121 17.88 -15.71 1.32
CA GLY B 121 17.84 -14.56 2.21
C GLY B 121 19.25 -14.14 2.59
N HIS B 122 19.34 -12.94 3.17
CA HIS B 122 20.64 -12.35 3.48
C HIS B 122 20.77 -12.04 4.97
N SER B 123 22.02 -12.14 5.46
CA SER B 123 22.40 -11.94 6.85
C SER B 123 21.54 -12.82 7.77
N MET B 124 20.73 -12.20 8.63
CA MET B 124 19.77 -12.96 9.44
C MET B 124 18.88 -13.84 8.57
N GLY B 125 18.59 -13.42 7.33
CA GLY B 125 17.80 -14.25 6.42
C GLY B 125 18.59 -15.36 5.75
N GLY B 126 19.91 -15.20 5.63
CA GLY B 126 20.74 -16.33 5.24
C GLY B 126 20.82 -17.37 6.34
N TYR B 127 20.90 -16.90 7.58
CA TYR B 127 20.77 -17.78 8.74
C TYR B 127 19.42 -18.48 8.74
N GLY B 128 18.33 -17.72 8.54
CA GLY B 128 17.02 -18.34 8.42
C GLY B 128 16.98 -19.36 7.29
N THR B 129 17.58 -19.01 6.14
CA THR B 129 17.57 -19.91 4.98
C THR B 129 18.23 -21.24 5.31
N ILE B 130 19.40 -21.20 5.95
CA ILE B 130 20.09 -22.46 6.22
C ILE B 130 19.33 -23.26 7.27
N LYS B 131 18.66 -22.60 8.22
CA LYS B 131 17.87 -23.33 9.21
C LYS B 131 16.71 -24.06 8.55
N PHE B 132 15.95 -23.38 7.69
CA PHE B 132 14.87 -24.08 7.00
C PHE B 132 15.39 -25.14 6.02
N ALA B 133 16.54 -24.90 5.38
CA ALA B 133 17.06 -25.91 4.46
C ALA B 133 17.39 -27.20 5.18
N LEU B 134 17.89 -27.11 6.42
CA LEU B 134 18.35 -28.28 7.16
C LEU B 134 17.25 -28.91 8.03
N THR B 135 16.09 -28.27 8.14
CA THR B 135 14.98 -28.81 8.92
C THR B 135 13.71 -29.03 8.09
N GLN B 136 13.64 -28.45 6.90
CA GLN B 136 12.50 -28.53 6.01
C GLN B 136 12.97 -28.91 4.61
N GLY B 137 13.95 -29.81 4.53
CA GLY B 137 14.51 -30.23 3.24
C GLY B 137 13.49 -30.79 2.28
N ASP B 138 12.37 -31.31 2.79
CA ASP B 138 11.30 -31.79 1.93
C ASP B 138 10.62 -30.66 1.15
N LYS B 139 10.68 -29.43 1.65
CA LYS B 139 9.90 -28.35 1.06
C LYS B 139 10.65 -27.55 0.01
N PHE B 140 11.98 -27.64 -0.04
CA PHE B 140 12.78 -26.80 -0.92
C PHE B 140 13.81 -27.64 -1.64
N ALA B 141 13.89 -27.49 -2.97
CA ALA B 141 14.93 -28.18 -3.71
C ALA B 141 16.25 -27.42 -3.71
N LYS B 142 16.22 -26.10 -3.50
CA LYS B 142 17.40 -25.26 -3.54
C LYS B 142 17.31 -24.20 -2.47
N ALA B 143 18.46 -23.84 -1.90
CA ALA B 143 18.55 -22.84 -0.85
C ALA B 143 19.77 -21.97 -1.09
N VAL B 144 19.58 -20.65 -0.95
CA VAL B 144 20.63 -19.67 -1.28
C VAL B 144 20.86 -18.74 -0.09
N PRO B 145 21.77 -19.06 0.84
CA PRO B 145 22.14 -18.08 1.87
C PRO B 145 23.05 -17.01 1.29
N LEU B 146 22.71 -15.75 1.55
CA LEU B 146 23.52 -14.62 1.08
C LEU B 146 24.08 -13.90 2.29
N SER B 147 25.39 -13.70 2.31
CA SER B 147 26.05 -12.99 3.41
C SER B 147 25.52 -13.49 4.76
N ALA B 148 25.44 -14.82 4.89
CA ALA B 148 24.75 -15.44 6.02
C ALA B 148 25.60 -15.44 7.27
N VAL B 149 24.93 -15.59 8.42
CA VAL B 149 25.58 -15.95 9.68
C VAL B 149 25.40 -17.44 9.87
N PHE B 150 26.50 -18.18 9.88
CA PHE B 150 26.41 -19.60 10.14
C PHE B 150 26.76 -19.94 11.58
N GLU B 151 27.69 -19.21 12.20
CA GLU B 151 27.97 -19.39 13.62
C GLU B 151 26.98 -18.51 14.38
N ALA B 152 25.93 -19.12 14.91
CA ALA B 152 24.81 -18.33 15.42
C ALA B 152 25.19 -17.50 16.63
N GLN B 153 26.21 -17.91 17.39
CA GLN B 153 26.58 -17.15 18.58
C GLN B 153 26.93 -15.70 18.25
N ASN B 154 27.47 -15.46 17.04
CA ASN B 154 27.79 -14.10 16.64
C ASN B 154 26.54 -13.23 16.50
N LEU B 155 25.43 -13.80 15.98
CA LEU B 155 24.21 -13.01 15.89
C LEU B 155 23.58 -12.83 17.26
N MET B 156 23.56 -13.87 18.09
CA MET B 156 22.98 -13.74 19.42
C MET B 156 23.70 -12.66 20.21
N ASP B 157 25.03 -12.68 20.20
CA ASP B 157 25.81 -11.75 21.03
C ASP B 157 25.98 -10.38 20.40
N LEU B 158 25.42 -10.15 19.21
CA LEU B 158 25.62 -8.89 18.50
C LEU B 158 25.00 -7.73 19.27
N GLU B 159 25.76 -6.65 19.42
CA GLU B 159 25.20 -5.38 19.91
C GLU B 159 24.63 -4.62 18.72
N TRP B 160 23.35 -4.82 18.47
CA TRP B 160 22.66 -4.11 17.40
C TRP B 160 21.50 -3.34 18.01
N ASN B 161 21.13 -2.26 17.33
CA ASN B 161 20.05 -1.37 17.76
C ASN B 161 18.79 -2.13 18.17
N ASP B 162 18.46 -2.06 19.46
CA ASP B 162 17.20 -2.56 20.02
C ASP B 162 17.04 -4.08 19.91
N PHE B 163 18.09 -4.80 19.55
CA PHE B 163 17.99 -6.23 19.32
C PHE B 163 18.10 -6.99 20.65
N SER B 164 17.24 -7.99 20.85
CA SER B 164 17.21 -8.74 22.12
C SER B 164 17.54 -10.20 21.86
N LYS B 165 18.73 -10.61 22.32
CA LYS B 165 19.12 -12.03 22.24
C LYS B 165 18.23 -12.91 23.11
N GLU B 166 17.96 -12.48 24.35
CA GLU B 166 17.13 -13.27 25.24
C GLU B 166 15.72 -13.48 24.68
N ALA B 167 15.19 -12.51 23.92
CA ALA B 167 13.90 -12.71 23.30
C ALA B 167 13.91 -13.97 22.45
N ILE B 168 15.00 -14.22 21.74
CA ILE B 168 15.08 -15.38 20.88
C ILE B 168 15.34 -16.64 21.69
N ILE B 169 16.43 -16.66 22.48
CA ILE B 169 16.93 -17.90 23.05
C ILE B 169 16.72 -18.01 24.55
N GLY B 170 16.11 -17.03 25.19
CA GLY B 170 15.83 -17.16 26.61
C GLY B 170 17.11 -17.18 27.43
N ASN B 171 17.24 -18.18 28.30
CA ASN B 171 18.32 -18.28 29.28
C ASN B 171 19.60 -18.91 28.74
N LEU B 172 19.59 -19.38 27.50
CA LEU B 172 20.71 -20.14 26.97
C LEU B 172 22.01 -19.35 26.99
N SER B 173 23.03 -19.91 27.65
CA SER B 173 24.36 -19.31 27.65
C SER B 173 25.08 -19.55 26.34
N SER B 174 24.80 -20.65 25.65
CA SER B 174 25.37 -20.89 24.33
C SER B 174 24.30 -21.54 23.45
N VAL B 175 24.37 -21.27 22.14
CA VAL B 175 23.46 -21.89 21.18
C VAL B 175 23.98 -23.21 20.63
N LYS B 176 25.19 -23.63 21.00
CA LYS B 176 25.74 -24.79 20.33
C LYS B 176 24.98 -26.05 20.74
N GLY B 177 24.71 -26.91 19.76
CA GLY B 177 23.97 -28.13 20.03
C GLY B 177 22.47 -27.97 20.08
N THR B 178 21.95 -26.78 19.81
CA THR B 178 20.52 -26.52 19.85
C THR B 178 19.99 -26.27 18.45
N GLU B 179 18.66 -26.12 18.37
CA GLU B 179 18.03 -25.85 17.07
C GLU B 179 18.43 -24.49 16.50
N HIS B 180 19.08 -23.62 17.30
CA HIS B 180 19.58 -22.33 16.83
C HIS B 180 20.94 -22.42 16.17
N ASP B 181 21.57 -23.59 16.20
CA ASP B 181 22.95 -23.80 15.79
C ASP B 181 22.97 -24.47 14.42
N PRO B 182 23.28 -23.76 13.33
CA PRO B 182 23.27 -24.42 12.01
C PRO B 182 24.23 -25.60 11.89
N TYR B 183 25.35 -25.57 12.61
CA TYR B 183 26.28 -26.70 12.55
C TYR B 183 25.67 -27.95 13.14
N TYR B 184 24.90 -27.81 14.22
CA TYR B 184 24.19 -28.96 14.77
C TYR B 184 23.07 -29.41 13.86
N LEU B 185 22.30 -28.46 13.32
CA LEU B 185 21.27 -28.78 12.32
C LEU B 185 21.84 -29.56 11.16
N LEU B 186 23.02 -29.16 10.69
CA LEU B 186 23.66 -29.85 9.59
C LEU B 186 24.07 -31.26 9.99
N ASP B 187 24.70 -31.40 11.15
CA ASP B 187 25.04 -32.72 11.67
C ASP B 187 23.81 -33.60 11.80
N LYS B 188 22.73 -33.06 12.36
CA LYS B 188 21.50 -33.83 12.52
C LYS B 188 20.95 -34.25 11.18
N ALA B 189 20.92 -33.33 10.21
CA ALA B 189 20.36 -33.64 8.89
C ALA B 189 21.18 -34.71 8.19
N VAL B 190 22.51 -34.66 8.32
CA VAL B 190 23.34 -35.73 7.76
C VAL B 190 23.13 -37.02 8.53
N ALA B 191 22.96 -36.93 9.85
CA ALA B 191 22.78 -38.14 10.63
C ALA B 191 21.44 -38.80 10.34
N GLU B 192 20.39 -38.01 10.11
CA GLU B 192 19.08 -38.58 9.84
C GLU B 192 18.86 -38.86 8.35
N ASP B 193 19.88 -38.65 7.52
CA ASP B 193 19.80 -38.84 6.07
C ASP B 193 18.62 -38.08 5.44
N LYS B 194 18.43 -36.84 5.89
CA LYS B 194 17.40 -36.00 5.30
C LYS B 194 17.87 -35.46 3.95
N GLN B 195 16.92 -35.00 3.15
CA GLN B 195 17.28 -34.29 1.93
C GLN B 195 17.84 -32.92 2.28
N ILE B 196 19.01 -32.60 1.74
CA ILE B 196 19.59 -31.28 1.87
C ILE B 196 19.43 -30.56 0.54
N PRO B 197 18.71 -29.44 0.49
CA PRO B 197 18.55 -28.73 -0.79
C PRO B 197 19.90 -28.35 -1.37
N LYS B 198 19.96 -28.34 -2.69
CA LYS B 198 21.14 -27.85 -3.39
C LYS B 198 21.49 -26.45 -2.89
N LEU B 199 22.76 -26.26 -2.52
CA LEU B 199 23.20 -25.05 -1.84
C LEU B 199 24.01 -24.16 -2.79
N LEU B 200 23.59 -22.92 -2.93
CA LEU B 200 24.40 -21.85 -3.49
C LEU B 200 24.63 -20.85 -2.35
N ILE B 201 25.87 -20.72 -1.90
CA ILE B 201 26.24 -19.83 -0.81
C ILE B 201 27.08 -18.70 -1.37
N MET B 202 26.64 -17.46 -1.12
CA MET B 202 27.27 -16.27 -1.70
C MET B 202 27.64 -15.29 -0.61
N CYS B 203 28.81 -14.65 -0.76
CA CYS B 203 29.19 -13.62 0.19
C CYS B 203 30.30 -12.79 -0.43
N GLY B 204 30.21 -11.47 -0.28
CA GLY B 204 31.25 -10.59 -0.79
C GLY B 204 32.53 -10.71 0.00
N LYS B 205 33.66 -10.52 -0.70
CA LYS B 205 34.96 -10.69 -0.06
C LYS B 205 35.26 -9.63 0.99
N GLN B 206 34.57 -8.49 0.96
CA GLN B 206 34.80 -7.44 1.95
C GLN B 206 33.78 -7.48 3.08
N ASP B 207 32.81 -8.39 3.00
CA ASP B 207 31.83 -8.56 4.06
C ASP B 207 32.51 -9.04 5.33
N PHE B 208 32.09 -8.47 6.47
CA PHE B 208 32.69 -8.90 7.74
C PHE B 208 32.30 -10.32 8.12
N LEU B 209 31.28 -10.89 7.47
CA LEU B 209 30.91 -12.27 7.69
C LEU B 209 31.65 -13.22 6.75
N TYR B 210 32.59 -12.71 5.95
CA TYR B 210 33.21 -13.53 4.92
C TYR B 210 33.96 -14.71 5.52
N GLN B 211 34.71 -14.48 6.61
CA GLN B 211 35.43 -15.58 7.23
C GLN B 211 34.47 -16.60 7.83
N ASP B 212 33.40 -16.12 8.46
CA ASP B 212 32.35 -17.01 8.94
C ASP B 212 31.80 -17.88 7.82
N ASN B 213 31.68 -17.31 6.61
CA ASN B 213 31.24 -18.11 5.46
C ASN B 213 32.32 -19.12 5.05
N LEU B 214 33.58 -18.70 5.06
CA LEU B 214 34.65 -19.64 4.76
C LEU B 214 34.64 -20.81 5.74
N ASP B 215 34.41 -20.53 7.03
CA ASP B 215 34.40 -21.61 8.03
C ASP B 215 33.33 -22.63 7.71
N PHE B 216 32.15 -22.18 7.30
CA PHE B 216 31.05 -23.09 7.09
C PHE B 216 31.28 -24.00 5.89
N ILE B 217 31.75 -23.44 4.78
CA ILE B 217 31.97 -24.26 3.60
C ILE B 217 33.15 -25.20 3.81
N ASP B 218 34.17 -24.78 4.56
CA ASP B 218 35.24 -25.70 4.95
C ASP B 218 34.66 -26.91 5.66
N TYR B 219 33.69 -26.69 6.55
CA TYR B 219 33.04 -27.79 7.26
C TYR B 219 32.21 -28.65 6.31
N LEU B 220 31.38 -28.00 5.47
CA LEU B 220 30.67 -28.73 4.42
C LEU B 220 31.61 -29.61 3.62
N SER B 221 32.77 -29.05 3.25
CA SER B 221 33.80 -29.83 2.57
C SER B 221 34.21 -31.02 3.42
N ARG B 222 34.41 -30.79 4.72
CA ARG B 222 35.00 -31.83 5.56
C ARG B 222 34.05 -33.01 5.76
N ILE B 223 32.75 -32.76 5.81
CA ILE B 223 31.77 -33.83 5.96
C ILE B 223 31.15 -34.22 4.62
N ASN B 224 31.74 -33.77 3.50
CA ASN B 224 31.35 -34.16 2.14
C ASN B 224 29.89 -33.86 1.85
N VAL B 225 29.46 -32.64 2.15
CA VAL B 225 28.15 -32.14 1.77
C VAL B 225 28.34 -31.18 0.60
N PRO B 226 27.68 -31.40 -0.54
CA PRO B 226 27.98 -30.58 -1.73
C PRO B 226 27.40 -29.18 -1.65
N TYR B 227 28.07 -28.26 -2.33
CA TYR B 227 27.64 -26.87 -2.38
C TYR B 227 28.36 -26.19 -3.53
N GLN B 228 27.87 -25.01 -3.89
CA GLN B 228 28.60 -24.07 -4.72
C GLN B 228 28.77 -22.80 -3.90
N PHE B 229 29.98 -22.26 -3.87
CA PHE B 229 30.25 -21.02 -3.15
C PHE B 229 30.67 -19.95 -4.14
N GLU B 230 30.01 -18.80 -4.09
CA GLU B 230 30.34 -17.71 -5.01
C GLU B 230 30.71 -16.48 -4.20
N ASP B 231 31.94 -16.02 -4.36
CA ASP B 231 32.36 -14.76 -3.78
C ASP B 231 32.77 -13.80 -4.88
N GLY B 232 33.54 -12.79 -4.53
CA GLY B 232 33.86 -11.71 -5.42
C GLY B 232 33.72 -10.41 -4.66
N PRO B 233 34.07 -9.29 -5.30
CA PRO B 233 33.95 -8.01 -4.61
C PRO B 233 32.54 -7.78 -4.10
N GLY B 234 32.44 -7.08 -3.00
CA GLY B 234 31.14 -6.79 -2.43
C GLY B 234 31.21 -6.69 -0.92
N ASP B 235 30.30 -5.91 -0.35
CA ASP B 235 30.22 -5.76 1.08
C ASP B 235 28.87 -6.25 1.58
N HIS B 236 28.58 -5.92 2.83
CA HIS B 236 27.35 -6.33 3.50
C HIS B 236 26.28 -5.24 3.29
N ASP B 237 25.78 -5.15 2.06
CA ASP B 237 24.83 -4.09 1.75
C ASP B 237 23.92 -4.50 0.58
N TYR B 238 22.89 -3.68 0.34
CA TYR B 238 21.92 -4.02 -0.68
C TYR B 238 22.47 -3.80 -2.09
N ALA B 239 23.52 -2.99 -2.25
CA ALA B 239 24.22 -2.98 -3.54
C ALA B 239 24.70 -4.39 -3.89
N TYR B 240 25.26 -5.11 -2.91
CA TYR B 240 25.66 -6.48 -3.17
C TYR B 240 24.45 -7.41 -3.29
N TRP B 241 23.47 -7.29 -2.39
CA TRP B 241 22.36 -8.25 -2.45
C TRP B 241 21.51 -8.08 -3.70
N ASP B 242 21.46 -6.86 -4.28
CA ASP B 242 20.82 -6.66 -5.57
C ASP B 242 21.49 -7.55 -6.63
N GLN B 243 22.82 -7.46 -6.75
CA GLN B 243 23.52 -8.25 -7.76
C GLN B 243 23.44 -9.75 -7.47
N ALA B 244 23.52 -10.11 -6.19
CA ALA B 244 23.56 -11.52 -5.82
C ALA B 244 22.20 -12.20 -6.02
N ILE B 245 21.10 -11.52 -5.68
CA ILE B 245 19.80 -12.13 -5.85
C ILE B 245 19.49 -12.28 -7.34
N LYS B 246 20.02 -11.40 -8.17
CA LYS B 246 19.85 -11.56 -9.61
C LYS B 246 20.54 -12.84 -10.10
N ARG B 247 21.82 -13.02 -9.72
CA ARG B 247 22.48 -14.28 -10.02
C ARG B 247 21.72 -15.45 -9.41
N ALA B 248 21.29 -15.31 -8.16
CA ALA B 248 20.70 -16.44 -7.46
C ALA B 248 19.42 -16.90 -8.15
N ILE B 249 18.60 -15.96 -8.63
CA ILE B 249 17.33 -16.30 -9.26
C ILE B 249 17.57 -17.07 -10.56
N THR B 250 18.50 -16.59 -11.39
CA THR B 250 18.87 -17.33 -12.59
C THR B 250 19.31 -18.75 -12.23
N TRP B 251 20.12 -18.90 -11.19
CA TRP B 251 20.60 -20.21 -10.77
C TRP B 251 19.45 -21.13 -10.35
N MET B 252 18.50 -20.61 -9.58
CA MET B 252 17.40 -21.45 -9.09
C MET B 252 16.60 -22.03 -10.23
N VAL B 253 16.17 -21.19 -11.18
CA VAL B 253 15.17 -21.64 -12.16
C VAL B 253 15.74 -22.45 -13.30
N ASN B 254 17.05 -22.60 -13.40
CA ASN B 254 17.66 -23.33 -14.50
C ASN B 254 18.25 -24.64 -14.00
N ASP B 255 17.81 -25.74 -14.60
CA ASP B 255 18.35 -27.05 -14.30
C ASP B 255 18.96 -27.66 -15.55
N GLY C 1 -13.95 -14.14 12.54
CA GLY C 1 -12.56 -14.28 12.14
C GLY C 1 -12.13 -13.29 11.06
N PRO C 2 -10.90 -12.82 11.13
CA PRO C 2 -10.41 -11.83 10.16
C PRO C 2 -9.96 -12.53 8.89
N GLY C 3 -9.58 -11.72 7.90
CA GLY C 3 -9.12 -12.24 6.64
C GLY C 3 -7.98 -11.40 6.07
N ALA C 4 -7.74 -11.49 4.76
CA ALA C 4 -6.65 -10.77 4.14
C ALA C 4 -7.18 -9.54 3.44
N TYR C 5 -6.46 -8.45 3.59
CA TYR C 5 -6.61 -7.27 2.75
C TYR C 5 -5.45 -7.23 1.77
N ILE C 6 -5.76 -7.22 0.48
CA ILE C 6 -4.74 -7.38 -0.55
C ILE C 6 -4.77 -6.18 -1.49
N SER C 7 -3.61 -5.56 -1.70
CA SER C 7 -3.43 -4.55 -2.74
C SER C 7 -2.60 -5.15 -3.86
N LEU C 8 -3.14 -5.16 -5.07
CA LEU C 8 -2.46 -5.74 -6.21
C LEU C 8 -2.23 -4.67 -7.26
N ASN C 9 -1.05 -4.65 -7.85
CA ASN C 9 -0.78 -3.81 -9.01
C ASN C 9 -0.15 -4.67 -10.08
N TYR C 10 -0.83 -4.81 -11.22
CA TYR C 10 -0.32 -5.59 -12.33
C TYR C 10 -0.52 -4.83 -13.64
N HIS C 11 0.32 -5.16 -14.62
CA HIS C 11 0.22 -4.54 -15.93
C HIS C 11 -0.92 -5.23 -16.70
N SER C 12 -1.96 -4.48 -17.00
CA SER C 12 -3.15 -5.03 -17.62
C SER C 12 -3.00 -5.08 -19.14
N PRO C 13 -3.10 -6.26 -19.77
CA PRO C 13 -3.10 -6.30 -21.24
C PRO C 13 -4.28 -5.56 -21.85
N THR C 14 -5.41 -5.47 -21.16
CA THR C 14 -6.58 -4.81 -21.73
C THR C 14 -6.41 -3.30 -21.78
N ILE C 15 -6.00 -2.68 -20.66
CA ILE C 15 -5.94 -1.23 -20.63
C ILE C 15 -4.52 -0.71 -20.81
N GLY C 16 -3.57 -1.59 -21.09
CA GLY C 16 -2.25 -1.16 -21.52
C GLY C 16 -1.43 -0.44 -20.49
N MET C 17 -1.60 -0.76 -19.21
CA MET C 17 -0.83 -0.06 -18.18
C MET C 17 -0.89 -0.85 -16.87
N HIS C 18 0.04 -0.53 -15.99
CA HIS C 18 -0.12 -0.92 -14.60
C HIS C 18 -1.34 -0.23 -13.99
N GLN C 19 -2.00 -0.93 -13.07
CA GLN C 19 -3.21 -0.45 -12.43
C GLN C 19 -3.36 -1.12 -11.07
N ASN C 20 -3.78 -0.36 -10.06
CA ASN C 20 -4.01 -0.92 -8.72
C ASN C 20 -5.42 -1.49 -8.59
N LEU C 21 -5.53 -2.57 -7.81
CA LEU C 21 -6.77 -3.26 -7.51
C LEU C 21 -6.69 -3.73 -6.06
N THR C 22 -7.80 -3.67 -5.34
CA THR C 22 -7.83 -4.19 -3.98
C THR C 22 -8.76 -5.39 -3.89
N VAL C 23 -8.41 -6.33 -3.02
CA VAL C 23 -9.14 -7.56 -2.82
C VAL C 23 -9.27 -7.81 -1.33
N ILE C 24 -10.48 -8.14 -0.89
CA ILE C 24 -10.72 -8.63 0.47
C ILE C 24 -10.88 -10.13 0.35
N LEU C 25 -10.08 -10.88 1.10
CA LEU C 25 -10.11 -12.35 1.06
C LEU C 25 -10.33 -12.89 2.46
N PRO C 26 -11.57 -13.22 2.83
CA PRO C 26 -11.83 -13.78 4.15
C PRO C 26 -11.07 -15.09 4.34
N GLU C 27 -10.78 -15.40 5.59
CA GLU C 27 -9.97 -16.58 5.82
C GLU C 27 -10.85 -17.82 5.83
N ASP C 28 -10.28 -18.91 5.37
CA ASP C 28 -10.88 -20.23 5.46
C ASP C 28 -9.83 -21.16 6.00
N GLN C 29 -10.26 -22.11 6.85
CA GLN C 29 -9.32 -23.07 7.41
C GLN C 29 -8.51 -23.77 6.32
N SER C 30 -9.12 -24.01 5.16
CA SER C 30 -8.39 -24.73 4.12
C SER C 30 -7.23 -23.92 3.55
N PHE C 31 -7.21 -22.59 3.80
CA PHE C 31 -6.09 -21.77 3.33
C PHE C 31 -4.80 -22.06 4.10
N PHE C 32 -4.87 -22.70 5.27
CA PHE C 32 -3.69 -22.94 6.09
C PHE C 32 -3.24 -24.39 6.10
N ASN C 33 -3.85 -25.24 5.28
CA ASN C 33 -3.48 -26.66 5.23
C ASN C 33 -3.11 -27.02 3.80
N SER C 34 -1.83 -27.34 3.60
CA SER C 34 -1.27 -27.57 2.27
C SER C 34 -1.79 -28.83 1.59
N ASP C 35 -2.29 -29.80 2.36
CA ASP C 35 -2.68 -31.09 1.80
C ASP C 35 -4.11 -31.11 1.30
N THR C 36 -4.86 -30.03 1.51
CA THR C 36 -6.27 -29.96 1.16
C THR C 36 -6.45 -29.05 -0.06
N THR C 37 -7.61 -29.21 -0.70
CA THR C 37 -8.01 -28.35 -1.80
C THR C 37 -8.74 -27.14 -1.23
N VAL C 38 -8.39 -25.94 -1.72
CA VAL C 38 -9.00 -24.73 -1.19
C VAL C 38 -10.50 -24.74 -1.44
N LYS C 39 -11.27 -24.32 -0.44
CA LYS C 39 -12.70 -24.10 -0.64
C LYS C 39 -12.91 -22.77 -1.37
N PRO C 40 -13.47 -22.77 -2.57
CA PRO C 40 -13.64 -21.49 -3.31
C PRO C 40 -14.70 -20.62 -2.65
N LEU C 41 -14.43 -19.32 -2.61
CA LEU C 41 -15.29 -18.37 -1.91
C LEU C 41 -16.31 -17.76 -2.86
N LYS C 42 -17.47 -17.41 -2.33
CA LYS C 42 -18.36 -16.48 -3.00
C LYS C 42 -17.65 -15.15 -3.21
N THR C 43 -17.97 -14.46 -4.31
CA THR C 43 -17.19 -13.31 -4.75
C THR C 43 -18.10 -12.17 -5.18
N LEU C 44 -17.79 -10.96 -4.71
CA LEU C 44 -18.52 -9.75 -5.06
C LEU C 44 -17.60 -8.81 -5.82
N MET C 45 -18.00 -8.44 -7.05
CA MET C 45 -17.34 -7.39 -7.80
C MET C 45 -17.96 -6.05 -7.39
N LEU C 46 -17.15 -5.16 -6.82
CA LEU C 46 -17.66 -3.95 -6.18
C LEU C 46 -17.12 -2.71 -6.89
N LEU C 47 -18.02 -1.90 -7.46
CA LEU C 47 -17.65 -0.83 -8.39
C LEU C 47 -17.80 0.55 -7.75
N HIS C 48 -16.74 1.35 -7.81
CA HIS C 48 -16.76 2.68 -7.21
C HIS C 48 -17.52 3.68 -8.09
N GLY C 49 -17.93 4.79 -7.47
CA GLY C 49 -18.57 5.88 -8.17
C GLY C 49 -17.56 6.90 -8.67
N LEU C 50 -18.07 7.99 -9.22
CA LEU C 50 -17.20 8.98 -9.86
C LEU C 50 -16.41 9.76 -8.81
N SER C 51 -15.09 9.86 -9.01
CA SER C 51 -14.08 10.48 -8.15
C SER C 51 -13.51 9.50 -7.14
N SER C 52 -14.16 8.35 -6.92
CA SER C 52 -13.60 7.33 -6.04
C SER C 52 -12.59 6.48 -6.82
N ASP C 53 -11.96 5.55 -6.13
CA ASP C 53 -11.02 4.64 -6.80
C ASP C 53 -11.00 3.33 -6.03
N GLU C 54 -9.92 2.54 -6.21
CA GLU C 54 -9.88 1.21 -5.63
C GLU C 54 -9.71 1.23 -4.11
N THR C 55 -9.37 2.37 -3.51
CA THR C 55 -9.12 2.43 -2.07
C THR C 55 -10.32 2.94 -1.27
N THR C 56 -11.33 3.52 -1.91
CA THR C 56 -12.23 4.39 -1.18
C THR C 56 -13.32 3.63 -0.44
N TYR C 57 -13.72 2.45 -0.91
CA TYR C 57 -14.61 1.61 -0.11
C TYR C 57 -13.94 1.17 1.20
N MET C 58 -12.67 0.75 1.13
N MET C 58 -12.67 0.74 1.13
CA MET C 58 -11.94 0.41 2.35
CA MET C 58 -11.95 0.42 2.36
C MET C 58 -11.86 1.60 3.30
C MET C 58 -11.90 1.61 3.29
N ARG C 59 -11.61 2.80 2.76
CA ARG C 59 -11.34 3.94 3.63
C ARG C 59 -12.61 4.48 4.26
N TYR C 60 -13.67 4.65 3.47
CA TYR C 60 -14.83 5.38 3.94
C TYR C 60 -15.99 4.48 4.37
N THR C 61 -15.79 3.17 4.35
CA THR C 61 -16.77 2.22 4.91
C THR C 61 -16.03 1.19 5.76
N SER C 62 -16.81 0.31 6.41
CA SER C 62 -16.25 -0.86 7.09
C SER C 62 -16.49 -2.13 6.28
N ILE C 63 -16.41 -2.05 4.94
CA ILE C 63 -16.80 -3.20 4.11
C ILE C 63 -16.03 -4.46 4.49
N GLU C 64 -14.74 -4.36 4.79
CA GLU C 64 -13.99 -5.60 5.13
C GLU C 64 -14.58 -6.30 6.34
N ARG C 65 -14.99 -5.53 7.36
CA ARG C 65 -15.66 -6.14 8.50
C ARG C 65 -16.92 -6.89 8.08
N TYR C 66 -17.75 -6.26 7.23
CA TYR C 66 -19.00 -6.89 6.79
C TYR C 66 -18.72 -8.12 5.95
N ALA C 67 -17.75 -8.02 5.03
CA ALA C 67 -17.42 -9.16 4.16
C ALA C 67 -16.88 -10.33 4.97
N ASN C 68 -16.07 -10.04 6.00
CA ASN C 68 -15.55 -11.11 6.86
C ASN C 68 -16.67 -11.84 7.57
N GLU C 69 -17.71 -11.13 8.00
CA GLU C 69 -18.82 -11.79 8.68
C GLU C 69 -19.47 -12.83 7.80
N HIS C 70 -19.43 -12.62 6.48
CA HIS C 70 -20.21 -13.44 5.56
C HIS C 70 -19.34 -14.24 4.61
N LYS C 71 -18.04 -14.37 4.90
CA LYS C 71 -17.13 -15.18 4.08
C LYS C 71 -17.22 -14.79 2.61
N LEU C 72 -17.32 -13.48 2.36
CA LEU C 72 -17.48 -12.93 1.01
C LEU C 72 -16.19 -12.28 0.57
N ALA C 73 -15.62 -12.78 -0.54
CA ALA C 73 -14.49 -12.10 -1.16
C ALA C 73 -15.01 -10.90 -1.94
N VAL C 74 -14.24 -9.81 -1.93
CA VAL C 74 -14.66 -8.55 -2.54
C VAL C 74 -13.54 -8.06 -3.44
N ILE C 75 -13.89 -7.75 -4.69
CA ILE C 75 -12.95 -7.28 -5.69
C ILE C 75 -13.28 -5.83 -5.99
N MET C 76 -12.30 -4.94 -5.82
CA MET C 76 -12.53 -3.50 -6.00
C MET C 76 -11.53 -2.95 -7.00
N PRO C 77 -11.92 -2.84 -8.27
CA PRO C 77 -11.04 -2.27 -9.29
C PRO C 77 -11.16 -0.76 -9.35
N ASN C 78 -10.30 -0.15 -10.17
CA ASN C 78 -10.29 1.28 -10.43
C ASN C 78 -10.59 1.54 -11.91
N VAL C 79 -11.60 2.37 -12.21
CA VAL C 79 -11.90 2.65 -13.61
C VAL C 79 -11.95 4.14 -13.88
N ASP C 80 -11.48 4.96 -12.93
CA ASP C 80 -11.24 6.36 -13.23
C ASP C 80 -12.55 7.08 -13.53
N HIS C 81 -12.61 7.88 -14.60
CA HIS C 81 -13.82 8.60 -15.01
C HIS C 81 -14.54 7.90 -16.16
N SER C 82 -14.36 6.59 -16.33
CA SER C 82 -14.77 5.90 -17.56
C SER C 82 -16.24 5.53 -17.62
N ALA C 83 -16.97 5.60 -16.50
CA ALA C 83 -18.33 5.07 -16.41
C ALA C 83 -18.41 3.63 -16.86
N TYR C 84 -17.33 2.87 -16.68
CA TYR C 84 -17.31 1.42 -16.98
C TYR C 84 -17.63 1.13 -18.45
N ALA C 85 -17.21 2.02 -19.35
CA ALA C 85 -17.40 1.84 -20.78
C ALA C 85 -16.06 1.57 -21.44
N ASN C 86 -16.11 0.88 -22.58
CA ASN C 86 -14.98 0.95 -23.52
C ASN C 86 -15.02 2.33 -24.15
N MET C 87 -14.11 3.19 -23.75
CA MET C 87 -14.21 4.62 -24.04
C MET C 87 -13.92 4.94 -25.51
N ALA C 88 -14.66 5.91 -26.04
CA ALA C 88 -14.38 6.38 -27.39
C ALA C 88 -12.97 6.95 -27.50
N TYR C 89 -12.54 7.70 -26.48
CA TYR C 89 -11.21 8.30 -26.44
C TYR C 89 -10.69 8.05 -25.02
N GLY C 90 -10.06 6.91 -24.82
CA GLY C 90 -9.59 6.52 -23.50
C GLY C 90 -9.21 5.06 -23.41
N HIS C 91 -9.60 4.38 -22.33
CA HIS C 91 -9.27 2.98 -22.14
C HIS C 91 -10.50 2.09 -22.31
N SER C 92 -10.25 0.80 -22.54
CA SER C 92 -11.32 -0.21 -22.65
C SER C 92 -11.68 -0.75 -21.27
N TYR C 93 -12.41 0.10 -20.52
CA TYR C 93 -12.68 -0.23 -19.12
C TYR C 93 -13.84 -1.22 -18.94
N TYR C 94 -14.77 -1.29 -19.90
CA TYR C 94 -15.75 -2.37 -19.85
C TYR C 94 -15.05 -3.71 -19.98
N ASP C 95 -14.18 -3.84 -20.98
CA ASP C 95 -13.38 -5.06 -21.12
C ASP C 95 -12.52 -5.29 -19.89
N TYR C 96 -12.00 -4.22 -19.29
CA TYR C 96 -11.14 -4.36 -18.11
C TYR C 96 -11.86 -5.07 -16.96
N ILE C 97 -13.13 -4.74 -16.72
CA ILE C 97 -13.85 -5.40 -15.63
C ILE C 97 -13.92 -6.89 -15.88
N LEU C 98 -14.12 -7.29 -17.15
CA LEU C 98 -14.14 -8.70 -17.50
C LEU C 98 -12.76 -9.33 -17.33
N GLU C 99 -11.70 -8.60 -17.63
CA GLU C 99 -10.36 -9.11 -17.38
C GLU C 99 -10.11 -9.29 -15.89
N VAL C 100 -10.45 -8.28 -15.09
CA VAL C 100 -10.25 -8.37 -13.64
C VAL C 100 -11.01 -9.57 -13.09
N TYR C 101 -12.24 -9.76 -13.57
CA TYR C 101 -13.04 -10.91 -13.13
C TYR C 101 -12.31 -12.22 -13.42
N ASP C 102 -11.89 -12.40 -14.68
CA ASP C 102 -11.16 -13.61 -15.04
C ASP C 102 -9.86 -13.75 -14.25
N TYR C 103 -9.11 -12.66 -14.12
CA TYR C 103 -7.82 -12.69 -13.45
C TYR C 103 -7.94 -13.16 -12.00
N VAL C 104 -8.77 -12.49 -11.21
CA VAL C 104 -8.86 -12.85 -9.80
C VAL C 104 -9.46 -14.23 -9.62
N HIS C 105 -10.32 -14.67 -10.55
CA HIS C 105 -10.84 -16.03 -10.45
C HIS C 105 -9.81 -17.07 -10.85
N GLN C 106 -8.81 -16.70 -11.65
CA GLN C 106 -7.73 -17.65 -11.95
C GLN C 106 -6.71 -17.72 -10.80
N ILE C 107 -6.39 -16.59 -10.16
CA ILE C 107 -5.26 -16.63 -9.24
C ILE C 107 -5.69 -16.85 -7.80
N PHE C 108 -6.91 -16.43 -7.41
CA PHE C 108 -7.40 -16.56 -6.04
C PHE C 108 -8.41 -17.68 -5.91
N PRO C 109 -8.64 -18.18 -4.68
CA PRO C 109 -9.63 -19.26 -4.46
C PRO C 109 -11.07 -18.76 -4.46
N LEU C 110 -11.55 -18.36 -5.64
CA LEU C 110 -12.88 -17.78 -5.82
C LEU C 110 -13.75 -18.69 -6.67
N SER C 111 -14.98 -18.92 -6.23
CA SER C 111 -15.87 -19.81 -6.97
C SER C 111 -16.18 -19.21 -8.32
N LYS C 112 -16.21 -20.07 -9.33
CA LYS C 112 -16.57 -19.66 -10.68
C LYS C 112 -18.05 -19.89 -10.98
N LYS C 113 -18.81 -20.47 -10.05
CA LYS C 113 -20.22 -20.72 -10.29
C LYS C 113 -21.01 -19.42 -10.27
N ARG C 114 -21.96 -19.31 -11.21
CA ARG C 114 -22.76 -18.10 -11.30
C ARG C 114 -23.46 -17.79 -9.98
N ASP C 115 -23.97 -18.82 -9.30
CA ASP C 115 -24.67 -18.63 -8.04
C ASP C 115 -23.78 -18.06 -6.95
N ASP C 116 -22.47 -18.07 -7.12
CA ASP C 116 -21.57 -17.58 -6.09
C ASP C 116 -20.98 -16.23 -6.41
N ASN C 117 -21.39 -15.59 -7.50
CA ASN C 117 -20.76 -14.36 -7.97
C ASN C 117 -21.79 -13.25 -8.05
N PHE C 118 -21.47 -12.12 -7.44
CA PHE C 118 -22.35 -10.96 -7.35
C PHE C 118 -21.60 -9.71 -7.77
N ILE C 119 -22.37 -8.68 -8.14
CA ILE C 119 -21.82 -7.40 -8.53
C ILE C 119 -22.64 -6.29 -7.87
N ALA C 120 -21.98 -5.20 -7.51
CA ALA C 120 -22.62 -4.08 -6.84
C ALA C 120 -21.77 -2.83 -7.04
N GLY C 121 -22.37 -1.67 -6.76
CA GLY C 121 -21.64 -0.41 -6.81
C GLY C 121 -22.57 0.77 -6.62
N HIS C 122 -21.97 1.95 -6.45
CA HIS C 122 -22.73 3.16 -6.15
C HIS C 122 -22.50 4.23 -7.19
N SER C 123 -23.55 5.03 -7.46
CA SER C 123 -23.59 6.11 -8.46
C SER C 123 -23.13 5.63 -9.84
N MET C 124 -21.98 6.13 -10.29
CA MET C 124 -21.37 5.62 -11.52
C MET C 124 -21.16 4.11 -11.45
N GLY C 125 -20.85 3.58 -10.25
CA GLY C 125 -20.73 2.14 -10.10
C GLY C 125 -22.04 1.38 -10.05
N GLY C 126 -23.14 2.04 -9.71
CA GLY C 126 -24.44 1.39 -9.82
C GLY C 126 -24.87 1.35 -11.26
N TYR C 127 -24.54 2.42 -11.98
CA TYR C 127 -24.71 2.44 -13.44
C TYR C 127 -23.87 1.33 -14.08
N GLY C 128 -22.60 1.26 -13.73
CA GLY C 128 -21.79 0.12 -14.15
C GLY C 128 -22.41 -1.20 -13.76
N THR C 129 -22.87 -1.31 -12.51
CA THR C 129 -23.50 -2.55 -12.06
C THR C 129 -24.68 -2.93 -12.95
N ILE C 130 -25.54 -1.98 -13.27
CA ILE C 130 -26.71 -2.40 -14.06
C ILE C 130 -26.29 -2.75 -15.48
N LYS C 131 -25.26 -2.09 -16.04
CA LYS C 131 -24.79 -2.43 -17.37
C LYS C 131 -24.24 -3.85 -17.42
N PHE C 132 -23.44 -4.23 -16.42
CA PHE C 132 -22.91 -5.60 -16.42
C PHE C 132 -24.00 -6.62 -16.11
N ALA C 133 -24.95 -6.26 -15.24
CA ALA C 133 -26.07 -7.16 -14.96
C ALA C 133 -26.86 -7.49 -16.22
N LEU C 134 -26.99 -6.52 -17.14
CA LEU C 134 -27.83 -6.70 -18.33
C LEU C 134 -27.06 -7.14 -19.57
N THR C 135 -25.73 -7.21 -19.50
CA THR C 135 -24.93 -7.70 -20.61
C THR C 135 -24.06 -8.90 -20.25
N GLN C 136 -23.88 -9.20 -18.97
CA GLN C 136 -23.12 -10.36 -18.50
C GLN C 136 -23.93 -11.15 -17.46
N GLY C 137 -25.24 -11.29 -17.71
CA GLY C 137 -26.11 -11.94 -16.75
C GLY C 137 -25.70 -13.38 -16.43
N ASP C 138 -24.99 -14.03 -17.34
CA ASP C 138 -24.48 -15.38 -17.09
C ASP C 138 -23.39 -15.43 -16.04
N LYS C 139 -22.75 -14.29 -15.72
CA LYS C 139 -21.64 -14.25 -14.79
C LYS C 139 -22.04 -13.93 -13.35
N PHE C 140 -23.20 -13.31 -13.15
CA PHE C 140 -23.61 -12.88 -11.82
C PHE C 140 -25.02 -13.37 -11.54
N ALA C 141 -25.23 -13.90 -10.34
CA ALA C 141 -26.57 -14.30 -9.93
C ALA C 141 -27.33 -13.16 -9.27
N LYS C 142 -26.64 -12.14 -8.76
CA LYS C 142 -27.31 -11.01 -8.13
C LYS C 142 -26.50 -9.75 -8.41
N ALA C 143 -27.22 -8.63 -8.49
CA ALA C 143 -26.61 -7.33 -8.74
C ALA C 143 -27.29 -6.30 -7.84
N VAL C 144 -26.50 -5.41 -7.27
CA VAL C 144 -27.01 -4.44 -6.30
C VAL C 144 -26.59 -3.02 -6.69
N PRO C 145 -27.38 -2.32 -7.51
CA PRO C 145 -27.10 -0.90 -7.76
C PRO C 145 -27.49 -0.06 -6.56
N LEU C 146 -26.55 0.75 -6.08
CA LEU C 146 -26.74 1.65 -4.96
C LEU C 146 -26.71 3.08 -5.50
N SER C 147 -27.76 3.86 -5.20
CA SER C 147 -27.80 5.26 -5.63
C SER C 147 -27.40 5.37 -7.10
N ALA C 148 -27.93 4.48 -7.92
CA ALA C 148 -27.41 4.36 -9.27
C ALA C 148 -27.99 5.45 -10.17
N VAL C 149 -27.26 5.71 -11.26
N VAL C 149 -27.27 5.77 -11.24
CA VAL C 149 -27.77 6.49 -12.39
CA VAL C 149 -27.86 6.56 -12.32
C VAL C 149 -28.35 5.51 -13.39
C VAL C 149 -28.36 5.57 -13.37
N PHE C 150 -29.66 5.61 -13.63
CA PHE C 150 -30.30 4.75 -14.60
C PHE C 150 -30.63 5.48 -15.89
N GLU C 151 -30.89 6.78 -15.80
CA GLU C 151 -31.05 7.64 -16.96
C GLU C 151 -29.67 8.23 -17.22
N ALA C 152 -28.93 7.61 -18.14
CA ALA C 152 -27.54 8.02 -18.35
C ALA C 152 -27.42 9.42 -18.91
N GLN C 153 -28.45 9.91 -19.62
CA GLN C 153 -28.38 11.24 -20.21
C GLN C 153 -28.28 12.34 -19.16
N ASN C 154 -28.51 12.02 -17.89
N ASN C 154 -28.86 12.13 -17.98
CA ASN C 154 -28.16 12.91 -16.79
CA ASN C 154 -28.93 13.19 -16.99
C ASN C 154 -26.70 12.78 -16.36
C ASN C 154 -27.54 13.66 -16.61
N LEU C 155 -26.04 11.65 -16.61
N LEU C 155 -26.72 12.72 -16.16
CA LEU C 155 -24.65 11.49 -16.21
CA LEU C 155 -25.29 12.96 -16.01
C LEU C 155 -23.70 12.12 -17.21
C LEU C 155 -24.69 12.78 -17.40
N MET C 156 -23.95 11.90 -18.50
N MET C 156 -23.37 12.62 -17.50
CA MET C 156 -23.04 12.41 -19.52
CA MET C 156 -22.66 12.78 -18.77
C MET C 156 -22.98 13.94 -19.50
C MET C 156 -22.79 14.22 -19.27
N ASP C 157 -24.11 14.58 -19.20
N ASP C 157 -23.95 14.83 -19.09
CA ASP C 157 -24.17 16.03 -19.16
CA ASP C 157 -24.23 16.16 -19.62
C ASP C 157 -23.86 16.61 -17.79
C ASP C 157 -23.71 17.27 -18.70
N LEU C 158 -23.62 15.77 -16.78
N LEU C 158 -24.09 17.23 -17.43
CA LEU C 158 -23.11 16.28 -15.52
CA LEU C 158 -23.70 18.29 -16.50
C LEU C 158 -21.73 16.88 -15.73
C LEU C 158 -22.21 18.23 -16.19
N GLU C 159 -21.56 18.15 -15.35
N GLU C 159 -21.67 19.36 -15.76
CA GLU C 159 -20.24 18.77 -15.47
CA GLU C 159 -20.24 19.51 -15.54
C GLU C 159 -19.46 18.62 -14.17
C GLU C 159 -19.91 19.25 -14.08
N TRP C 160 -19.16 17.36 -13.86
N TRP C 160 -19.07 18.25 -13.85
CA TRP C 160 -18.34 17.07 -12.69
CA TRP C 160 -18.55 17.95 -12.53
C TRP C 160 -16.90 17.50 -12.94
C TRP C 160 -17.12 18.49 -12.44
N ASN C 161 -16.20 17.75 -11.84
CA ASN C 161 -14.80 18.14 -11.78
C ASN C 161 -13.96 17.29 -12.73
N ASP C 162 -13.46 17.92 -13.79
CA ASP C 162 -12.53 17.33 -14.75
C ASP C 162 -13.14 16.17 -15.52
N PHE C 163 -14.46 16.02 -15.47
CA PHE C 163 -15.15 14.94 -16.16
C PHE C 163 -15.31 15.23 -17.65
N SER C 164 -15.04 14.24 -18.49
CA SER C 164 -15.18 14.38 -19.93
C SER C 164 -16.25 13.43 -20.47
N LYS C 165 -17.39 14.00 -20.89
CA LYS C 165 -18.42 13.20 -21.56
C LYS C 165 -17.90 12.59 -22.85
N GLU C 166 -17.25 13.41 -23.69
CA GLU C 166 -16.82 12.95 -25.00
C GLU C 166 -15.79 11.82 -24.91
N ALA C 167 -14.95 11.83 -23.87
CA ALA C 167 -14.01 10.72 -23.71
C ALA C 167 -14.75 9.38 -23.67
N ILE C 168 -15.95 9.36 -23.09
CA ILE C 168 -16.72 8.11 -22.99
C ILE C 168 -17.46 7.81 -24.28
N ILE C 169 -18.29 8.74 -24.75
CA ILE C 169 -19.28 8.45 -25.78
C ILE C 169 -18.95 9.09 -27.12
N GLY C 170 -17.82 9.80 -27.24
CA GLY C 170 -17.48 10.41 -28.51
C GLY C 170 -18.36 11.61 -28.81
N ASN C 171 -18.72 11.76 -30.08
CA ASN C 171 -19.59 12.86 -30.46
C ASN C 171 -21.07 12.43 -30.52
N LEU C 172 -21.44 11.40 -29.77
CA LEU C 172 -22.84 10.96 -29.75
C LEU C 172 -23.75 12.08 -29.29
N SER C 173 -24.85 12.27 -30.02
CA SER C 173 -25.82 13.30 -29.72
C SER C 173 -26.60 12.99 -28.46
N SER C 174 -26.97 11.73 -28.30
CA SER C 174 -27.80 11.26 -27.20
C SER C 174 -27.38 9.83 -26.89
N VAL C 175 -27.43 9.46 -25.62
CA VAL C 175 -27.14 8.09 -25.27
C VAL C 175 -28.34 7.19 -25.42
N LYS C 176 -29.55 7.76 -25.57
CA LYS C 176 -30.76 6.95 -25.59
C LYS C 176 -30.73 6.00 -26.77
N GLY C 177 -31.07 4.73 -26.51
CA GLY C 177 -31.07 3.73 -27.55
C GLY C 177 -29.74 3.09 -27.83
N THR C 178 -28.71 3.38 -27.03
CA THR C 178 -27.37 2.86 -27.24
C THR C 178 -26.95 1.99 -26.07
N GLU C 179 -25.77 1.37 -26.19
CA GLU C 179 -25.26 0.50 -25.15
C GLU C 179 -24.91 1.28 -23.88
N HIS C 180 -24.94 2.61 -23.91
CA HIS C 180 -24.76 3.43 -22.73
C HIS C 180 -26.07 3.69 -21.98
N ASP C 181 -27.18 3.16 -22.48
CA ASP C 181 -28.52 3.42 -21.97
C ASP C 181 -29.05 2.19 -21.24
N PRO C 182 -29.13 2.19 -19.89
CA PRO C 182 -29.66 0.99 -19.20
C PRO C 182 -31.04 0.56 -19.68
N TYR C 183 -31.88 1.50 -20.14
CA TYR C 183 -33.21 1.10 -20.63
C TYR C 183 -33.11 0.31 -21.92
N TYR C 184 -32.20 0.70 -22.82
CA TYR C 184 -31.99 -0.07 -24.03
C TYR C 184 -31.43 -1.45 -23.71
N LEU C 185 -30.41 -1.50 -22.83
CA LEU C 185 -29.83 -2.78 -22.44
C LEU C 185 -30.87 -3.69 -21.80
N LEU C 186 -31.76 -3.12 -21.00
CA LEU C 186 -32.80 -3.90 -20.35
C LEU C 186 -33.77 -4.47 -21.38
N ASP C 187 -34.23 -3.63 -22.32
CA ASP C 187 -35.13 -4.14 -23.36
C ASP C 187 -34.45 -5.21 -24.18
N LYS C 188 -33.16 -5.04 -24.46
CA LYS C 188 -32.42 -6.01 -25.25
C LYS C 188 -32.25 -7.31 -24.48
N ALA C 189 -32.00 -7.24 -23.17
CA ALA C 189 -31.86 -8.44 -22.35
C ALA C 189 -33.16 -9.24 -22.33
N VAL C 190 -34.29 -8.55 -22.15
CA VAL C 190 -35.60 -9.21 -22.16
C VAL C 190 -35.89 -9.80 -23.53
N ALA C 191 -35.63 -9.03 -24.59
CA ALA C 191 -35.92 -9.49 -25.95
C ALA C 191 -35.10 -10.71 -26.33
N GLU C 192 -33.84 -10.78 -25.89
CA GLU C 192 -32.97 -11.88 -26.24
C GLU C 192 -33.05 -13.05 -25.27
N ASP C 193 -33.98 -12.98 -24.29
CA ASP C 193 -34.19 -14.01 -23.27
C ASP C 193 -32.92 -14.31 -22.49
N LYS C 194 -32.19 -13.26 -22.12
CA LYS C 194 -31.02 -13.42 -21.28
C LYS C 194 -31.43 -13.52 -19.82
N GLN C 195 -30.66 -14.27 -19.04
CA GLN C 195 -30.92 -14.29 -17.60
C GLN C 195 -30.56 -12.93 -17.02
N ILE C 196 -31.46 -12.39 -16.22
CA ILE C 196 -31.23 -11.13 -15.51
C ILE C 196 -30.90 -11.48 -14.08
N PRO C 197 -29.77 -11.02 -13.53
CA PRO C 197 -29.45 -11.31 -12.13
C PRO C 197 -30.56 -10.81 -11.21
N LYS C 198 -30.65 -11.44 -10.04
CA LYS C 198 -31.59 -10.99 -9.03
C LYS C 198 -31.21 -9.59 -8.58
N LEU C 199 -32.18 -8.69 -8.51
CA LEU C 199 -31.92 -7.27 -8.33
C LEU C 199 -32.35 -6.79 -6.95
N LEU C 200 -31.40 -6.16 -6.25
CA LEU C 200 -31.67 -5.37 -5.06
C LEU C 200 -31.21 -3.95 -5.37
N ILE C 201 -32.14 -3.00 -5.39
CA ILE C 201 -31.87 -1.62 -5.74
C ILE C 201 -32.07 -0.74 -4.53
N MET C 202 -31.06 0.05 -4.19
CA MET C 202 -31.10 0.83 -2.98
C MET C 202 -30.80 2.29 -3.30
N CYS C 203 -31.52 3.18 -2.64
CA CYS C 203 -31.20 4.59 -2.82
C CYS C 203 -31.79 5.34 -1.64
N GLY C 204 -31.04 6.30 -1.10
CA GLY C 204 -31.55 7.09 0.00
C GLY C 204 -32.63 8.05 -0.48
N LYS C 205 -33.64 8.26 0.36
CA LYS C 205 -34.78 9.08 -0.02
C LYS C 205 -34.39 10.52 -0.33
N GLN C 206 -33.30 11.02 0.24
CA GLN C 206 -32.89 12.39 0.02
C GLN C 206 -31.88 12.53 -1.11
N ASP C 207 -31.53 11.42 -1.76
CA ASP C 207 -30.61 11.45 -2.88
C ASP C 207 -31.24 12.17 -4.07
N PHE C 208 -30.45 12.99 -4.77
N PHE C 208 -30.44 12.97 -4.78
CA PHE C 208 -30.94 13.63 -5.99
CA PHE C 208 -30.98 13.63 -5.97
C PHE C 208 -31.37 12.58 -7.01
C PHE C 208 -31.18 12.66 -7.13
N LEU C 209 -30.72 11.42 -7.01
CA LEU C 209 -31.02 10.37 -7.97
C LEU C 209 -32.27 9.56 -7.61
N TYR C 210 -32.98 9.95 -6.54
CA TYR C 210 -34.10 9.16 -6.06
C TYR C 210 -35.19 9.01 -7.12
N GLN C 211 -35.64 10.14 -7.70
CA GLN C 211 -36.72 10.06 -8.69
C GLN C 211 -36.29 9.23 -9.89
N ASP C 212 -35.03 9.39 -10.30
CA ASP C 212 -34.45 8.55 -11.33
C ASP C 212 -34.55 7.07 -10.96
N ASN C 213 -34.28 6.73 -9.70
CA ASN C 213 -34.45 5.35 -9.27
C ASN C 213 -35.91 4.93 -9.29
N LEU C 214 -36.82 5.80 -8.84
CA LEU C 214 -38.24 5.48 -8.91
C LEU C 214 -38.69 5.21 -10.35
N ASP C 215 -38.22 6.03 -11.29
CA ASP C 215 -38.58 5.85 -12.71
C ASP C 215 -38.17 4.46 -13.21
N PHE C 216 -36.95 4.03 -12.85
CA PHE C 216 -36.42 2.78 -13.37
C PHE C 216 -37.16 1.57 -12.80
N ILE C 217 -37.47 1.59 -11.51
CA ILE C 217 -38.18 0.44 -10.94
C ILE C 217 -39.63 0.42 -11.41
N ASP C 218 -40.22 1.58 -11.67
CA ASP C 218 -41.53 1.60 -12.30
C ASP C 218 -41.50 0.88 -13.64
N TYR C 219 -40.47 1.14 -14.44
CA TYR C 219 -40.32 0.46 -15.72
C TYR C 219 -40.13 -1.05 -15.53
N LEU C 220 -39.27 -1.45 -14.59
CA LEU C 220 -39.09 -2.87 -14.32
C LEU C 220 -40.44 -3.55 -14.05
N SER C 221 -41.25 -2.90 -13.22
CA SER C 221 -42.59 -3.41 -12.93
C SER C 221 -43.41 -3.58 -14.20
N ARG C 222 -43.33 -2.60 -15.11
CA ARG C 222 -44.18 -2.65 -16.29
C ARG C 222 -43.73 -3.70 -17.29
N ILE C 223 -42.50 -4.20 -17.20
CA ILE C 223 -42.07 -5.29 -18.06
C ILE C 223 -41.85 -6.57 -17.26
N ASN C 224 -42.49 -6.66 -16.09
CA ASN C 224 -42.56 -7.90 -15.29
C ASN C 224 -41.18 -8.49 -14.98
N VAL C 225 -40.22 -7.62 -14.67
CA VAL C 225 -38.91 -8.02 -14.15
C VAL C 225 -38.93 -7.81 -12.65
N PRO C 226 -38.66 -8.83 -11.83
CA PRO C 226 -38.74 -8.65 -10.38
C PRO C 226 -37.53 -7.91 -9.83
N TYR C 227 -37.71 -7.31 -8.67
CA TYR C 227 -36.66 -6.57 -8.00
C TYR C 227 -37.11 -6.29 -6.58
N GLN C 228 -36.14 -6.05 -5.72
CA GLN C 228 -36.40 -5.50 -4.39
C GLN C 228 -35.81 -4.10 -4.34
N PHE C 229 -36.62 -3.14 -3.91
CA PHE C 229 -36.20 -1.75 -3.83
C PHE C 229 -36.23 -1.33 -2.37
N GLU C 230 -35.11 -0.82 -1.88
CA GLU C 230 -35.01 -0.43 -0.49
C GLU C 230 -34.63 1.03 -0.44
N ASP C 231 -35.50 1.83 0.14
CA ASP C 231 -35.21 3.23 0.41
C ASP C 231 -35.38 3.47 1.90
N GLY C 232 -35.11 4.70 2.30
CA GLY C 232 -35.09 5.07 3.68
C GLY C 232 -34.29 6.33 3.76
N PRO C 233 -34.12 6.89 4.95
CA PRO C 233 -33.35 8.12 5.08
C PRO C 233 -31.93 7.89 4.57
N GLY C 234 -31.39 8.89 3.91
CA GLY C 234 -30.04 8.80 3.38
C GLY C 234 -29.85 9.69 2.18
N ASP C 235 -28.61 10.15 2.02
CA ASP C 235 -28.24 11.02 0.92
C ASP C 235 -27.17 10.33 0.07
N HIS C 236 -26.53 11.12 -0.79
CA HIS C 236 -25.59 10.60 -1.76
C HIS C 236 -24.17 10.71 -1.20
N ASP C 237 -23.90 9.90 -0.17
CA ASP C 237 -22.60 9.95 0.48
C ASP C 237 -22.21 8.57 1.00
N TYR C 238 -20.96 8.47 1.48
CA TYR C 238 -20.47 7.21 1.99
C TYR C 238 -21.08 6.83 3.34
N ALA C 239 -21.62 7.80 4.09
CA ALA C 239 -22.38 7.43 5.28
C ALA C 239 -23.54 6.52 4.90
N TYR C 240 -24.19 6.81 3.77
CA TYR C 240 -25.27 5.97 3.29
C TYR C 240 -24.75 4.67 2.68
N TRP C 241 -23.71 4.75 1.87
CA TRP C 241 -23.20 3.53 1.22
C TRP C 241 -22.59 2.57 2.23
N ASP C 242 -22.04 3.09 3.33
CA ASP C 242 -21.57 2.21 4.41
C ASP C 242 -22.70 1.31 4.92
N GLN C 243 -23.84 1.91 5.29
CA GLN C 243 -24.94 1.11 5.81
C GLN C 243 -25.60 0.28 4.70
N ALA C 244 -25.69 0.82 3.48
CA ALA C 244 -26.34 0.09 2.39
C ALA C 244 -25.52 -1.14 1.99
N ILE C 245 -24.20 -1.02 1.94
CA ILE C 245 -23.41 -2.16 1.48
C ILE C 245 -23.41 -3.27 2.52
N LYS C 246 -23.47 -2.91 3.81
CA LYS C 246 -23.64 -3.92 4.86
C LYS C 246 -24.94 -4.68 4.66
N ARG C 247 -26.02 -3.97 4.38
CA ARG C 247 -27.29 -4.66 4.13
C ARG C 247 -27.24 -5.46 2.83
N ALA C 248 -26.61 -4.92 1.80
CA ALA C 248 -26.52 -5.62 0.52
C ALA C 248 -25.73 -6.92 0.67
N ILE C 249 -24.66 -6.91 1.47
CA ILE C 249 -23.85 -8.11 1.63
C ILE C 249 -24.64 -9.22 2.32
N THR C 250 -25.38 -8.87 3.37
CA THR C 250 -26.25 -9.88 3.99
C THR C 250 -27.22 -10.46 2.97
N TRP C 251 -27.81 -9.61 2.13
CA TRP C 251 -28.79 -10.07 1.16
C TRP C 251 -28.16 -10.97 0.11
N MET C 252 -26.97 -10.62 -0.37
CA MET C 252 -26.30 -11.42 -1.39
C MET C 252 -26.07 -12.85 -0.94
N VAL C 253 -25.40 -13.01 0.21
CA VAL C 253 -24.92 -14.33 0.59
C VAL C 253 -26.03 -15.21 1.16
N ASN C 254 -27.14 -14.61 1.60
CA ASN C 254 -28.23 -15.36 2.22
C ASN C 254 -29.33 -15.54 1.18
N ASP C 255 -29.31 -16.68 0.50
CA ASP C 255 -30.38 -17.04 -0.40
C ASP C 255 -30.87 -18.45 -0.12
N GLY D 1 22.03 6.51 4.05
CA GLY D 1 21.52 5.37 4.78
C GLY D 1 20.06 5.03 4.50
N PRO D 2 19.19 5.24 5.49
CA PRO D 2 17.79 4.85 5.34
C PRO D 2 16.87 6.01 5.00
N GLY D 3 15.59 5.70 4.87
CA GLY D 3 14.61 6.75 4.66
C GLY D 3 13.22 6.18 4.69
N ALA D 4 12.27 7.00 4.34
CA ALA D 4 10.86 6.64 4.37
C ALA D 4 10.38 6.40 2.94
N TYR D 5 9.60 5.34 2.78
CA TYR D 5 8.90 5.07 1.53
C TYR D 5 7.41 5.33 1.78
N ILE D 6 6.81 6.21 0.99
CA ILE D 6 5.50 6.74 1.35
C ILE D 6 4.55 6.55 0.18
N SER D 7 3.37 5.98 0.46
CA SER D 7 2.30 5.89 -0.53
C SER D 7 1.18 6.82 -0.09
N LEU D 8 0.80 7.75 -0.96
CA LEU D 8 -0.24 8.71 -0.65
C LEU D 8 -1.37 8.56 -1.64
N ASN D 9 -2.59 8.62 -1.14
CA ASN D 9 -3.78 8.68 -2.00
C ASN D 9 -4.67 9.81 -1.50
N TYR D 10 -4.80 10.86 -2.31
CA TYR D 10 -5.66 11.98 -1.97
C TYR D 10 -6.57 12.32 -3.14
N HIS D 11 -7.73 12.88 -2.82
CA HIS D 11 -8.68 13.34 -3.83
C HIS D 11 -8.18 14.67 -4.41
N SER D 12 -7.82 14.65 -5.68
CA SER D 12 -7.19 15.81 -6.30
C SER D 12 -8.25 16.77 -6.83
N PRO D 13 -8.27 18.04 -6.38
CA PRO D 13 -9.21 18.99 -6.99
C PRO D 13 -8.93 19.26 -8.47
N THR D 14 -7.70 19.01 -8.94
CA THR D 14 -7.38 19.29 -10.34
C THR D 14 -7.94 18.20 -11.27
N ILE D 15 -7.74 16.93 -10.94
CA ILE D 15 -8.20 15.87 -11.84
C ILE D 15 -9.51 15.24 -11.35
N GLY D 16 -10.08 15.74 -10.26
CA GLY D 16 -11.42 15.34 -9.86
C GLY D 16 -11.56 13.90 -9.44
N MET D 17 -10.52 13.32 -8.83
CA MET D 17 -10.63 11.95 -8.33
C MET D 17 -9.51 11.67 -7.35
N HIS D 18 -9.72 10.64 -6.54
CA HIS D 18 -8.61 10.06 -5.80
C HIS D 18 -7.57 9.51 -6.76
N GLN D 19 -6.30 9.62 -6.35
CA GLN D 19 -5.17 9.24 -7.18
C GLN D 19 -4.02 8.89 -6.24
N ASN D 20 -3.26 7.87 -6.60
CA ASN D 20 -2.11 7.45 -5.80
C ASN D 20 -0.86 8.18 -6.25
N LEU D 21 0.05 8.38 -5.30
CA LEU D 21 1.31 9.08 -5.49
C LEU D 21 2.32 8.40 -4.59
N THR D 22 3.58 8.37 -5.00
CA THR D 22 4.62 7.72 -4.23
C THR D 22 5.70 8.75 -3.91
N VAL D 23 6.21 8.74 -2.67
CA VAL D 23 7.23 9.68 -2.23
C VAL D 23 8.34 8.93 -1.53
N ILE D 24 9.58 9.21 -1.93
CA ILE D 24 10.77 8.77 -1.21
C ILE D 24 11.27 9.95 -0.39
N LEU D 25 11.37 9.76 0.92
CA LEU D 25 11.75 10.83 1.84
C LEU D 25 12.94 10.35 2.67
N PRO D 26 14.15 10.66 2.24
CA PRO D 26 15.33 10.25 3.00
C PRO D 26 15.32 10.82 4.40
N GLU D 27 15.96 10.10 5.32
CA GLU D 27 15.94 10.53 6.71
C GLU D 27 16.94 11.64 6.94
N ASP D 28 16.61 12.50 7.89
CA ASP D 28 17.46 13.60 8.32
C ASP D 28 17.34 13.65 9.83
N GLN D 29 18.46 13.88 10.51
CA GLN D 29 18.43 13.89 11.97
C GLN D 29 17.44 14.94 12.49
N SER D 30 17.22 16.02 11.72
CA SER D 30 16.25 17.03 12.15
C SER D 30 14.83 16.48 12.20
N PHE D 31 14.53 15.44 11.41
CA PHE D 31 13.18 14.88 11.44
C PHE D 31 12.87 14.18 12.75
N PHE D 32 13.87 13.81 13.55
CA PHE D 32 13.62 13.06 14.79
C PHE D 32 13.81 13.90 16.05
N ASN D 33 14.16 15.17 15.94
CA ASN D 33 14.44 15.98 17.12
C ASN D 33 13.45 17.15 17.12
N SER D 34 12.51 17.12 18.07
CA SER D 34 11.47 18.15 18.12
C SER D 34 12.05 19.53 18.36
N ASP D 35 13.30 19.64 18.79
CA ASP D 35 13.90 20.92 19.15
C ASP D 35 14.64 21.57 18.00
N THR D 36 14.79 20.89 16.86
CA THR D 36 15.61 21.43 15.79
C THR D 36 14.74 21.77 14.59
N THR D 37 15.17 22.79 13.85
CA THR D 37 14.48 23.20 12.64
C THR D 37 14.68 22.16 11.54
N VAL D 38 13.59 21.75 10.91
CA VAL D 38 13.66 20.89 9.73
C VAL D 38 14.56 21.52 8.68
N LYS D 39 15.51 20.74 8.17
CA LYS D 39 16.28 21.20 7.02
C LYS D 39 15.61 20.66 5.78
N PRO D 40 15.06 21.51 4.90
CA PRO D 40 14.31 21.02 3.73
C PRO D 40 15.22 20.27 2.76
N LEU D 41 14.69 19.21 2.18
CA LEU D 41 15.46 18.36 1.28
C LEU D 41 15.41 18.88 -0.15
N LYS D 42 16.49 18.63 -0.89
CA LYS D 42 16.39 18.72 -2.35
C LYS D 42 15.36 17.73 -2.84
N THR D 43 14.67 18.07 -3.94
CA THR D 43 13.48 17.33 -4.35
C THR D 43 13.51 17.08 -5.86
N LEU D 44 13.24 15.84 -6.26
CA LEU D 44 13.14 15.43 -7.65
C LEU D 44 11.71 15.04 -7.99
N MET D 45 11.17 15.64 -9.04
CA MET D 45 9.90 15.19 -9.61
C MET D 45 10.24 14.17 -10.71
N LEU D 46 9.78 12.93 -10.56
CA LEU D 46 10.21 11.82 -11.40
C LEU D 46 9.01 11.22 -12.13
N LEU D 47 9.04 11.27 -13.46
CA LEU D 47 7.87 11.04 -14.31
C LEU D 47 8.00 9.71 -15.05
N HIS D 48 6.98 8.84 -14.92
CA HIS D 48 6.98 7.52 -15.53
C HIS D 48 6.69 7.58 -17.04
N GLY D 49 7.04 6.49 -17.72
CA GLY D 49 6.76 6.35 -19.13
C GLY D 49 5.42 5.69 -19.39
N LEU D 50 5.09 5.57 -20.66
CA LEU D 50 3.77 5.05 -21.02
C LEU D 50 3.65 3.60 -20.60
N SER D 51 2.55 3.28 -19.93
CA SER D 51 2.14 1.99 -19.35
C SER D 51 2.68 1.79 -17.94
N SER D 52 3.55 2.67 -17.45
CA SER D 52 3.99 2.61 -16.07
C SER D 52 3.05 3.44 -15.19
N ASP D 53 3.32 3.49 -13.89
CA ASP D 53 2.51 4.28 -12.99
C ASP D 53 3.39 4.69 -11.81
N GLU D 54 2.77 5.03 -10.68
CA GLU D 54 3.51 5.61 -9.58
C GLU D 54 4.33 4.58 -8.81
N THR D 55 4.12 3.29 -9.06
CA THR D 55 4.86 2.24 -8.36
C THR D 55 6.06 1.71 -9.13
N THR D 56 6.21 2.01 -10.41
CA THR D 56 7.07 1.15 -11.21
C THR D 56 8.54 1.50 -11.11
N TYR D 57 8.88 2.76 -10.77
CA TYR D 57 10.28 3.07 -10.47
C TYR D 57 10.76 2.35 -9.21
N MET D 58 9.94 2.35 -8.15
N MET D 58 9.95 2.34 -8.15
CA MET D 58 10.28 1.57 -6.97
CA MET D 58 10.32 1.57 -6.97
C MET D 58 10.50 0.10 -7.30
C MET D 58 10.52 0.10 -7.32
N ARG D 59 9.63 -0.45 -8.14
CA ARG D 59 9.66 -1.89 -8.38
C ARG D 59 10.80 -2.31 -9.29
N TYR D 60 11.06 -1.54 -10.34
CA TYR D 60 11.95 -2.02 -11.39
C TYR D 60 13.33 -1.41 -11.33
N THR D 61 13.59 -0.54 -10.36
CA THR D 61 14.92 0.03 -10.14
C THR D 61 15.20 -0.02 -8.64
N SER D 62 16.42 0.36 -8.27
CA SER D 62 16.79 0.59 -6.87
C SER D 62 16.82 2.07 -6.53
N ILE D 63 15.88 2.85 -7.07
CA ILE D 63 15.94 4.31 -6.95
C ILE D 63 15.97 4.75 -5.48
N GLU D 64 15.19 4.12 -4.60
CA GLU D 64 15.21 4.59 -3.21
C GLU D 64 16.60 4.47 -2.60
N ARG D 65 17.34 3.42 -2.96
CA ARG D 65 18.69 3.27 -2.45
C ARG D 65 19.60 4.40 -2.97
N TYR D 66 19.44 4.80 -4.23
CA TYR D 66 20.26 5.89 -4.75
C TYR D 66 19.86 7.23 -4.14
N ALA D 67 18.56 7.47 -4.02
CA ALA D 67 18.09 8.74 -3.46
C ALA D 67 18.53 8.91 -2.01
N ASN D 68 18.44 7.83 -1.23
CA ASN D 68 18.89 7.85 0.16
C ASN D 68 20.35 8.25 0.26
N GLU D 69 21.19 7.64 -0.59
CA GLU D 69 22.61 7.96 -0.59
C GLU D 69 22.86 9.45 -0.76
N HIS D 70 21.95 10.15 -1.42
CA HIS D 70 22.18 11.56 -1.74
C HIS D 70 21.18 12.49 -1.07
N LYS D 71 20.42 12.01 -0.10
CA LYS D 71 19.49 12.84 0.67
C LYS D 71 18.50 13.55 -0.25
N LEU D 72 18.10 12.85 -1.31
CA LEU D 72 17.22 13.40 -2.34
C LEU D 72 15.82 12.84 -2.15
N ALA D 73 14.84 13.73 -1.94
CA ALA D 73 13.44 13.35 -1.93
C ALA D 73 12.96 13.18 -3.37
N VAL D 74 12.12 12.18 -3.60
CA VAL D 74 11.66 11.83 -4.94
C VAL D 74 10.14 11.75 -4.93
N ILE D 75 9.51 12.41 -5.90
CA ILE D 75 8.06 12.48 -6.03
C ILE D 75 7.68 11.77 -7.32
N MET D 76 6.82 10.76 -7.23
CA MET D 76 6.49 9.89 -8.37
C MET D 76 4.98 9.83 -8.56
N PRO D 77 4.42 10.70 -9.38
CA PRO D 77 2.98 10.72 -9.60
C PRO D 77 2.58 9.71 -10.67
N ASN D 78 1.28 9.61 -10.88
CA ASN D 78 0.67 8.75 -11.87
C ASN D 78 -0.14 9.60 -12.83
N VAL D 79 0.12 9.48 -14.14
CA VAL D 79 -0.64 10.27 -15.10
C VAL D 79 -1.16 9.39 -16.24
N ASP D 80 -1.16 8.08 -16.07
CA ASP D 80 -1.94 7.23 -16.99
C ASP D 80 -1.36 7.37 -18.40
N HIS D 81 -2.21 7.44 -19.43
CA HIS D 81 -1.81 7.56 -20.83
C HIS D 81 -1.84 9.01 -21.31
N SER D 82 -1.68 9.97 -20.42
CA SER D 82 -1.97 11.36 -20.75
C SER D 82 -0.85 12.11 -21.47
N ALA D 83 0.37 11.57 -21.46
CA ALA D 83 1.54 12.29 -21.98
C ALA D 83 1.74 13.62 -21.27
N TYR D 84 1.34 13.72 -20.00
CA TYR D 84 1.55 14.92 -19.20
C TYR D 84 0.86 16.15 -19.79
N ALA D 85 -0.24 15.94 -20.51
CA ALA D 85 -0.99 17.00 -21.14
C ALA D 85 -2.29 17.28 -20.38
N ASN D 86 -2.77 18.51 -20.48
CA ASN D 86 -4.20 18.75 -20.22
C ASN D 86 -4.96 18.18 -21.41
N MET D 87 -5.61 17.04 -21.21
CA MET D 87 -6.13 16.27 -22.33
C MET D 87 -7.35 16.93 -22.95
N ALA D 88 -7.45 16.85 -24.28
CA ALA D 88 -8.66 17.28 -24.98
C ALA D 88 -9.89 16.56 -24.43
N TYR D 89 -9.81 15.24 -24.25
CA TYR D 89 -10.91 14.44 -23.71
C TYR D 89 -10.31 13.55 -22.64
N GLY D 90 -10.31 14.02 -21.41
CA GLY D 90 -9.64 13.30 -20.35
C GLY D 90 -9.41 14.18 -19.15
N HIS D 91 -8.25 14.05 -18.53
CA HIS D 91 -7.94 14.78 -17.31
C HIS D 91 -6.93 15.89 -17.56
N SER D 92 -6.92 16.86 -16.64
CA SER D 92 -6.00 18.00 -16.69
C SER D 92 -4.65 17.60 -16.10
N TYR D 93 -3.93 16.74 -16.81
CA TYR D 93 -2.74 16.16 -16.21
C TYR D 93 -1.53 17.08 -16.23
N TYR D 94 -1.47 18.06 -17.12
CA TYR D 94 -0.39 19.04 -17.00
C TYR D 94 -0.56 19.84 -15.71
N ASP D 95 -1.75 20.37 -15.49
CA ASP D 95 -2.03 21.09 -14.25
C ASP D 95 -1.86 20.18 -13.05
N TYR D 96 -2.11 18.88 -13.21
CA TYR D 96 -1.97 17.97 -12.08
C TYR D 96 -0.54 17.92 -11.57
N ILE D 97 0.45 17.89 -12.47
CA ILE D 97 1.85 17.88 -12.02
C ILE D 97 2.15 19.15 -11.22
N LEU D 98 1.64 20.30 -11.66
CA LEU D 98 1.83 21.53 -10.89
C LEU D 98 1.15 21.43 -9.52
N GLU D 99 -0.02 20.79 -9.46
CA GLU D 99 -0.68 20.58 -8.17
C GLU D 99 0.16 19.69 -7.26
N VAL D 100 0.64 18.56 -7.79
CA VAL D 100 1.45 17.65 -6.99
C VAL D 100 2.67 18.36 -6.44
N TYR D 101 3.35 19.12 -7.30
CA TYR D 101 4.51 19.90 -6.87
C TYR D 101 4.16 20.79 -5.67
N ASP D 102 3.12 21.61 -5.81
CA ASP D 102 2.72 22.50 -4.73
C ASP D 102 2.31 21.72 -3.48
N TYR D 103 1.50 20.68 -3.66
CA TYR D 103 1.00 19.92 -2.52
C TYR D 103 2.15 19.32 -1.70
N VAL D 104 3.05 18.58 -2.34
CA VAL D 104 4.11 17.95 -1.55
C VAL D 104 5.04 18.99 -0.94
N HIS D 105 5.27 20.13 -1.62
CA HIS D 105 6.09 21.15 -0.98
C HIS D 105 5.35 21.85 0.15
N GLN D 106 4.02 21.76 0.22
CA GLN D 106 3.33 22.29 1.39
C GLN D 106 3.34 21.30 2.55
N ILE D 107 3.13 20.01 2.30
CA ILE D 107 2.94 19.09 3.43
C ILE D 107 4.22 18.35 3.86
N PHE D 108 5.28 18.32 3.04
CA PHE D 108 6.53 17.64 3.38
C PHE D 108 7.67 18.64 3.56
N PRO D 109 8.75 18.26 4.29
CA PRO D 109 9.90 19.17 4.47
C PRO D 109 10.79 19.26 3.23
N LEU D 110 10.26 19.85 2.16
CA LEU D 110 10.93 19.92 0.86
C LEU D 110 11.34 21.35 0.55
N SER D 111 12.54 21.51 0.02
CA SER D 111 13.02 22.85 -0.31
C SER D 111 12.19 23.45 -1.44
N LYS D 112 11.83 24.71 -1.28
CA LYS D 112 11.09 25.44 -2.29
C LYS D 112 11.99 26.27 -3.18
N LYS D 113 13.30 26.25 -2.93
CA LYS D 113 14.22 27.02 -3.75
C LYS D 113 14.49 26.31 -5.08
N ARG D 114 14.54 27.11 -6.14
CA ARG D 114 14.72 26.56 -7.49
C ARG D 114 15.96 25.68 -7.57
N ASP D 115 17.08 26.16 -7.01
CA ASP D 115 18.32 25.39 -7.06
C ASP D 115 18.20 24.02 -6.40
N ASP D 116 17.19 23.81 -5.58
CA ASP D 116 17.02 22.54 -4.89
C ASP D 116 15.98 21.65 -5.53
N ASN D 117 15.44 22.01 -6.69
CA ASN D 117 14.33 21.29 -7.28
C ASN D 117 14.67 20.82 -8.69
N PHE D 118 14.42 19.53 -8.96
CA PHE D 118 14.78 18.90 -10.22
C PHE D 118 13.60 18.12 -10.77
N ILE D 119 13.69 17.80 -12.05
CA ILE D 119 12.66 17.03 -12.73
C ILE D 119 13.34 16.06 -13.69
N ALA D 120 12.79 14.86 -13.81
CA ALA D 120 13.35 13.83 -14.69
C ALA D 120 12.26 12.81 -14.99
N GLY D 121 12.54 11.95 -15.96
CA GLY D 121 11.60 10.92 -16.36
C GLY D 121 12.03 10.24 -17.65
N HIS D 122 11.45 9.09 -17.97
CA HIS D 122 11.87 8.32 -19.14
C HIS D 122 10.73 8.16 -20.14
N SER D 123 11.08 8.05 -21.42
CA SER D 123 10.15 7.88 -22.55
C SER D 123 9.07 8.97 -22.55
N MET D 124 7.83 8.59 -22.27
CA MET D 124 6.76 9.58 -22.12
C MET D 124 7.05 10.57 -20.99
N GLY D 125 7.74 10.13 -19.93
CA GLY D 125 8.16 11.03 -18.87
C GLY D 125 9.37 11.89 -19.20
N GLY D 126 10.20 11.48 -20.16
CA GLY D 126 11.24 12.39 -20.61
C GLY D 126 10.65 13.48 -21.47
N TYR D 127 9.65 13.12 -22.27
CA TYR D 127 8.80 14.06 -22.97
C TYR D 127 8.11 15.01 -22.00
N GLY D 128 7.51 14.45 -20.93
CA GLY D 128 6.97 15.31 -19.89
C GLY D 128 8.03 16.22 -19.29
N THR D 129 9.20 15.66 -19.00
CA THR D 129 10.27 16.43 -18.37
C THR D 129 10.64 17.66 -19.21
N ILE D 130 10.81 17.46 -20.52
CA ILE D 130 11.23 18.59 -21.35
C ILE D 130 10.08 19.59 -21.52
N LYS D 131 8.83 19.12 -21.52
CA LYS D 131 7.71 20.05 -21.57
C LYS D 131 7.70 20.96 -20.34
N PHE D 132 7.82 20.39 -19.14
CA PHE D 132 7.84 21.20 -17.93
C PHE D 132 9.12 22.05 -17.84
N ALA D 133 10.24 21.52 -18.32
CA ALA D 133 11.48 22.30 -18.30
C ALA D 133 11.33 23.59 -19.11
N LEU D 134 10.65 23.52 -20.25
CA LEU D 134 10.53 24.66 -21.14
C LEU D 134 9.32 25.53 -20.86
N THR D 135 8.45 25.12 -19.94
CA THR D 135 7.27 25.90 -19.59
C THR D 135 7.21 26.31 -18.13
N GLN D 136 7.93 25.60 -17.25
CA GLN D 136 8.00 25.90 -15.82
C GLN D 136 9.45 26.05 -15.38
N GLY D 137 10.24 26.78 -16.17
CA GLY D 137 11.67 26.90 -15.90
C GLY D 137 12.01 27.50 -14.56
N ASP D 138 11.09 28.27 -13.97
CA ASP D 138 11.33 28.82 -12.64
C ASP D 138 11.16 27.80 -11.53
N LYS D 139 10.56 26.64 -11.80
CA LYS D 139 10.37 25.65 -10.77
C LYS D 139 11.55 24.70 -10.62
N PHE D 140 12.38 24.55 -11.65
CA PHE D 140 13.39 23.51 -11.67
C PHE D 140 14.72 24.08 -12.14
N ALA D 141 15.78 23.87 -11.36
CA ALA D 141 17.12 24.26 -11.78
C ALA D 141 17.76 23.26 -12.73
N LYS D 142 17.30 22.01 -12.75
CA LYS D 142 17.89 20.96 -13.54
C LYS D 142 16.81 20.03 -14.05
N ALA D 143 16.96 19.52 -15.28
CA ALA D 143 16.01 18.59 -15.87
C ALA D 143 16.75 17.47 -16.57
N VAL D 144 16.25 16.24 -16.42
CA VAL D 144 16.94 15.06 -16.96
C VAL D 144 15.98 14.19 -17.76
N PRO D 145 15.84 14.42 -19.07
CA PRO D 145 15.08 13.49 -19.91
C PRO D 145 15.88 12.22 -20.18
N LEU D 146 15.28 11.07 -19.89
CA LEU D 146 15.88 9.75 -20.17
C LEU D 146 15.12 9.10 -21.32
N SER D 147 15.84 8.71 -22.38
CA SER D 147 15.22 8.02 -23.51
C SER D 147 13.93 8.73 -23.92
N ALA D 148 14.00 10.06 -24.03
CA ALA D 148 12.81 10.86 -24.22
C ALA D 148 12.36 10.85 -25.69
N VAL D 149 11.08 11.11 -25.88
CA VAL D 149 10.55 11.45 -27.20
C VAL D 149 10.59 12.97 -27.32
N PHE D 150 11.32 13.47 -28.31
CA PHE D 150 11.34 14.90 -28.58
C PHE D 150 10.53 15.30 -29.78
N GLU D 151 10.47 14.44 -30.79
CA GLU D 151 9.56 14.62 -31.92
C GLU D 151 8.27 13.91 -31.53
N ALA D 152 7.29 14.68 -31.06
CA ALA D 152 6.13 14.10 -30.42
C ALA D 152 5.23 13.35 -31.39
N GLN D 153 5.28 13.67 -32.68
CA GLN D 153 4.33 13.06 -33.61
C GLN D 153 4.46 11.53 -33.65
N ASN D 154 5.59 11.00 -33.18
CA ASN D 154 5.76 9.55 -33.17
C ASN D 154 5.11 8.90 -31.96
N LEU D 155 5.23 9.52 -30.77
CA LEU D 155 4.48 9.03 -29.61
C LEU D 155 2.98 9.10 -29.86
N MET D 156 2.53 10.16 -30.54
CA MET D 156 1.10 10.31 -30.78
C MET D 156 0.58 9.20 -31.71
N ASP D 157 1.34 8.86 -32.75
CA ASP D 157 0.91 7.87 -33.72
C ASP D 157 1.40 6.46 -33.40
N LEU D 158 2.19 6.29 -32.34
CA LEU D 158 2.42 4.96 -31.80
C LEU D 158 1.09 4.31 -31.47
N GLU D 159 0.88 3.10 -31.98
CA GLU D 159 -0.33 2.34 -31.61
C GLU D 159 -0.02 1.33 -30.51
N TRP D 160 0.38 1.89 -29.37
CA TRP D 160 0.52 1.12 -28.14
C TRP D 160 -0.84 0.63 -27.67
N ASN D 161 -0.81 -0.48 -26.94
CA ASN D 161 -1.99 -1.10 -26.36
C ASN D 161 -2.89 -0.09 -25.66
N ASP D 162 -4.12 0.05 -26.18
CA ASP D 162 -5.18 0.85 -25.58
C ASP D 162 -4.88 2.34 -25.53
N PHE D 163 -3.84 2.79 -26.21
CA PHE D 163 -3.45 4.20 -26.18
C PHE D 163 -4.31 5.02 -27.13
N SER D 164 -4.78 6.18 -26.65
CA SER D 164 -5.67 7.04 -27.43
C SER D 164 -4.94 8.35 -27.72
N LYS D 165 -4.55 8.52 -28.99
CA LYS D 165 -3.99 9.79 -29.43
C LYS D 165 -5.01 10.92 -29.27
N GLU D 166 -6.26 10.67 -29.70
CA GLU D 166 -7.25 11.74 -29.70
C GLU D 166 -7.62 12.19 -28.29
N ALA D 167 -7.59 11.28 -27.31
CA ALA D 167 -7.85 11.68 -25.93
C ALA D 167 -6.95 12.85 -25.53
N ILE D 168 -5.68 12.79 -25.94
CA ILE D 168 -4.72 13.84 -25.61
C ILE D 168 -4.96 15.08 -26.47
N ILE D 169 -4.92 14.94 -27.79
CA ILE D 169 -4.82 16.08 -28.68
C ILE D 169 -6.09 16.37 -29.45
N GLY D 170 -7.16 15.59 -29.24
CA GLY D 170 -8.42 15.89 -29.92
C GLY D 170 -8.37 15.53 -31.40
N ASN D 171 -9.04 16.37 -32.20
CA ASN D 171 -9.13 16.15 -33.65
C ASN D 171 -7.84 16.47 -34.38
N LEU D 172 -6.82 16.99 -33.70
CA LEU D 172 -5.62 17.47 -34.36
C LEU D 172 -4.96 16.39 -35.20
N SER D 173 -4.56 16.74 -36.42
CA SER D 173 -3.85 15.80 -37.27
C SER D 173 -2.36 15.77 -36.93
N SER D 174 -1.78 16.95 -36.65
CA SER D 174 -0.37 17.04 -36.30
C SER D 174 -0.20 17.79 -34.99
N VAL D 175 0.90 17.48 -34.29
CA VAL D 175 1.26 18.18 -33.07
C VAL D 175 2.23 19.33 -33.34
N LYS D 176 2.84 19.39 -34.52
CA LYS D 176 3.89 20.36 -34.77
C LYS D 176 3.36 21.77 -34.61
N GLY D 177 4.13 22.61 -33.93
CA GLY D 177 3.74 23.99 -33.68
C GLY D 177 2.71 24.18 -32.59
N THR D 178 2.45 23.16 -31.77
CA THR D 178 1.50 23.28 -30.67
C THR D 178 2.22 23.08 -29.34
N GLU D 179 1.47 23.22 -28.25
CA GLU D 179 2.00 22.98 -26.91
C GLU D 179 2.51 21.56 -26.72
N HIS D 180 2.17 20.65 -27.62
CA HIS D 180 2.58 19.26 -27.54
C HIS D 180 3.92 19.00 -28.22
N ASP D 181 4.54 20.04 -28.78
CA ASP D 181 5.70 19.92 -29.63
C ASP D 181 6.90 20.51 -28.91
N PRO D 182 7.80 19.68 -28.37
CA PRO D 182 8.94 20.23 -27.62
C PRO D 182 9.77 21.21 -28.41
N TYR D 183 9.87 21.05 -29.73
CA TYR D 183 10.63 22.01 -30.53
C TYR D 183 9.98 23.38 -30.54
N TYR D 184 8.65 23.42 -30.58
CA TYR D 184 7.96 24.71 -30.51
C TYR D 184 8.10 25.31 -29.11
N LEU D 185 7.99 24.48 -28.07
CA LEU D 185 8.15 24.98 -26.71
C LEU D 185 9.55 25.52 -26.52
N LEU D 186 10.53 24.88 -27.15
CA LEU D 186 11.91 25.32 -27.04
C LEU D 186 12.11 26.67 -27.74
N ASP D 187 11.63 26.79 -28.97
CA ASP D 187 11.72 28.06 -29.69
C ASP D 187 11.07 29.19 -28.90
N LYS D 188 9.90 28.91 -28.31
CA LYS D 188 9.21 29.92 -27.52
C LYS D 188 10.02 30.32 -26.29
N ALA D 189 10.56 29.34 -25.56
CA ALA D 189 11.34 29.65 -24.36
C ALA D 189 12.56 30.51 -24.71
N VAL D 190 13.19 30.23 -25.85
CA VAL D 190 14.32 31.03 -26.28
C VAL D 190 13.86 32.43 -26.68
N ALA D 191 12.78 32.52 -27.45
CA ALA D 191 12.30 33.82 -27.90
C ALA D 191 11.85 34.70 -26.73
N GLU D 192 11.35 34.07 -25.67
CA GLU D 192 10.85 34.81 -24.51
C GLU D 192 11.88 34.93 -23.37
N ASP D 193 13.11 34.46 -23.61
CA ASP D 193 14.21 34.66 -22.65
C ASP D 193 13.90 34.04 -21.29
N LYS D 194 13.29 32.86 -21.28
CA LYS D 194 12.99 32.18 -20.04
C LYS D 194 14.21 31.41 -19.54
N GLN D 195 14.29 31.24 -18.22
CA GLN D 195 15.28 30.32 -17.67
C GLN D 195 15.01 28.90 -18.15
N ILE D 196 16.01 28.27 -18.73
CA ILE D 196 15.95 26.86 -19.10
C ILE D 196 16.75 26.08 -18.06
N PRO D 197 16.17 25.09 -17.39
CA PRO D 197 16.95 24.30 -16.42
C PRO D 197 18.19 23.70 -17.08
N LYS D 198 19.23 23.49 -16.28
CA LYS D 198 20.38 22.74 -16.75
C LYS D 198 19.91 21.39 -17.25
N LEU D 199 20.35 21.00 -18.44
CA LEU D 199 19.85 19.78 -19.07
C LEU D 199 20.91 18.71 -19.06
N LEU D 200 20.54 17.54 -18.53
CA LEU D 200 21.28 16.29 -18.70
C LEU D 200 20.37 15.37 -19.50
N ILE D 201 20.77 15.05 -20.72
CA ILE D 201 19.96 14.21 -21.60
C ILE D 201 20.68 12.88 -21.76
N MET D 202 19.94 11.80 -21.52
CA MET D 202 20.50 10.46 -21.53
C MET D 202 19.69 9.57 -22.45
N CYS D 203 20.36 8.69 -23.16
CA CYS D 203 19.68 7.76 -24.03
C CYS D 203 20.65 6.64 -24.40
N GLY D 204 20.18 5.40 -24.31
CA GLY D 204 20.98 4.29 -24.74
C GLY D 204 21.11 4.25 -26.26
N LYS D 205 22.27 3.79 -26.72
CA LYS D 205 22.53 3.82 -28.16
C LYS D 205 21.79 2.75 -28.93
N GLN D 206 21.23 1.74 -28.25
CA GLN D 206 20.41 0.75 -28.93
C GLN D 206 18.91 1.08 -28.87
N ASP D 207 18.55 2.19 -28.21
CA ASP D 207 17.16 2.63 -28.12
C ASP D 207 16.62 3.08 -29.47
N PHE D 208 15.35 2.75 -29.74
CA PHE D 208 14.65 3.26 -30.92
C PHE D 208 14.77 4.77 -31.02
N LEU D 209 14.76 5.45 -29.89
CA LEU D 209 14.72 6.91 -29.81
C LEU D 209 16.09 7.55 -29.86
N TYR D 210 17.15 6.77 -30.08
CA TYR D 210 18.50 7.34 -30.09
C TYR D 210 18.61 8.43 -31.16
N GLN D 211 18.20 8.12 -32.39
CA GLN D 211 18.27 9.11 -33.45
C GLN D 211 17.45 10.35 -33.11
N ASP D 212 16.26 10.15 -32.56
CA ASP D 212 15.43 11.28 -32.13
C ASP D 212 16.17 12.15 -31.12
N ASN D 213 16.93 11.52 -30.21
CA ASN D 213 17.68 12.29 -29.23
C ASN D 213 18.82 13.06 -29.88
N LEU D 214 19.53 12.44 -30.82
CA LEU D 214 20.59 13.16 -31.53
C LEU D 214 20.03 14.36 -32.28
N ASP D 215 18.84 14.23 -32.86
CA ASP D 215 18.24 15.36 -33.56
C ASP D 215 17.99 16.52 -32.62
N PHE D 216 17.51 16.23 -31.41
CA PHE D 216 17.17 17.29 -30.47
C PHE D 216 18.40 18.04 -30.00
N ILE D 217 19.44 17.31 -29.57
CA ILE D 217 20.63 17.97 -29.07
C ILE D 217 21.36 18.72 -30.17
N ASP D 218 21.25 18.28 -31.43
CA ASP D 218 21.80 19.06 -32.53
C ASP D 218 21.13 20.43 -32.60
N TYR D 219 19.80 20.46 -32.45
CA TYR D 219 19.08 21.71 -32.48
C TYR D 219 19.45 22.60 -31.30
N LEU D 220 19.55 22.02 -30.09
CA LEU D 220 20.03 22.77 -28.93
C LEU D 220 21.36 23.44 -29.22
N SER D 221 22.30 22.69 -29.79
CA SER D 221 23.61 23.27 -30.10
C SER D 221 23.47 24.44 -31.05
N ARG D 222 22.59 24.31 -32.05
CA ARG D 222 22.46 25.35 -33.06
C ARG D 222 21.76 26.60 -32.53
N ILE D 223 21.15 26.54 -31.34
CA ILE D 223 20.52 27.71 -30.77
C ILE D 223 21.17 28.11 -29.45
N ASN D 224 22.38 27.61 -29.19
CA ASN D 224 23.23 28.04 -28.08
C ASN D 224 22.60 27.80 -26.71
N VAL D 225 21.82 26.74 -26.58
CA VAL D 225 21.34 26.28 -25.27
C VAL D 225 22.27 25.14 -24.82
N PRO D 226 22.86 25.23 -23.63
CA PRO D 226 23.79 24.19 -23.20
C PRO D 226 23.07 22.93 -22.75
N TYR D 227 23.82 21.84 -22.74
CA TYR D 227 23.32 20.55 -22.28
C TYR D 227 24.49 19.60 -22.14
N GLN D 228 24.28 18.55 -21.36
CA GLN D 228 25.18 17.42 -21.33
C GLN D 228 24.41 16.23 -21.87
N PHE D 229 25.00 15.52 -22.81
CA PHE D 229 24.38 14.34 -23.38
C PHE D 229 25.19 13.12 -23.00
N GLU D 230 24.55 12.12 -22.43
CA GLU D 230 25.24 10.88 -22.07
C GLU D 230 24.56 9.73 -22.79
N ASP D 231 25.31 9.04 -23.61
CA ASP D 231 24.86 7.82 -24.25
C ASP D 231 25.85 6.73 -23.85
N GLY D 232 25.76 5.59 -24.50
CA GLY D 232 26.48 4.42 -24.10
C GLY D 232 25.54 3.25 -24.27
N PRO D 233 26.05 2.03 -24.12
CA PRO D 233 25.21 0.85 -24.35
C PRO D 233 23.94 0.92 -23.51
N GLY D 234 22.85 0.44 -24.10
CA GLY D 234 21.59 0.45 -23.41
C GLY D 234 20.42 0.41 -24.37
N ASP D 235 19.34 -0.23 -23.96
CA ASP D 235 18.13 -0.26 -24.76
C ASP D 235 17.04 0.52 -24.03
N HIS D 236 15.80 0.33 -24.49
CA HIS D 236 14.65 1.06 -23.96
C HIS D 236 13.98 0.21 -22.88
N ASP D 237 14.62 0.12 -21.71
CA ASP D 237 14.10 -0.75 -20.65
C ASP D 237 14.60 -0.27 -19.29
N TYR D 238 14.03 -0.89 -18.25
CA TYR D 238 14.32 -0.49 -16.88
C TYR D 238 15.71 -0.93 -16.43
N ALA D 239 16.31 -1.93 -17.09
CA ALA D 239 17.73 -2.17 -16.88
C ALA D 239 18.54 -0.91 -17.17
N TYR D 240 18.21 -0.22 -18.26
CA TYR D 240 18.90 1.03 -18.58
C TYR D 240 18.49 2.15 -17.63
N TRP D 241 17.20 2.27 -17.32
CA TRP D 241 16.76 3.43 -16.55
C TRP D 241 17.23 3.34 -15.09
N ASP D 242 17.46 2.13 -14.62
CA ASP D 242 17.99 1.93 -13.25
C ASP D 242 19.39 2.54 -13.20
N GLN D 243 20.30 2.09 -14.14
CA GLN D 243 21.65 2.64 -14.19
C GLN D 243 21.63 4.14 -14.48
N ALA D 244 20.81 4.60 -15.37
CA ALA D 244 20.76 6.02 -15.78
C ALA D 244 20.24 6.90 -14.65
N ILE D 245 19.21 6.45 -13.94
CA ILE D 245 18.71 7.31 -12.89
C ILE D 245 19.71 7.40 -11.76
N LYS D 246 20.51 6.35 -11.55
CA LYS D 246 21.54 6.40 -10.52
C LYS D 246 22.55 7.49 -10.83
N ARG D 247 22.99 7.57 -12.10
CA ARG D 247 23.94 8.61 -12.49
C ARG D 247 23.27 9.97 -12.53
N ALA D 248 22.01 10.04 -12.98
CA ALA D 248 21.31 11.32 -13.00
C ALA D 248 21.21 11.94 -11.61
N ILE D 249 20.90 11.11 -10.60
CA ILE D 249 20.74 11.64 -9.25
C ILE D 249 22.06 12.22 -8.74
N THR D 250 23.17 11.50 -8.96
CA THR D 250 24.49 12.03 -8.61
C THR D 250 24.75 13.38 -9.28
N TRP D 251 24.39 13.51 -10.55
CA TRP D 251 24.64 14.75 -11.27
C TRP D 251 23.74 15.88 -10.76
N MET D 252 22.48 15.55 -10.43
CA MET D 252 21.54 16.55 -9.91
C MET D 252 22.04 17.19 -8.62
N VAL D 253 22.40 16.37 -7.63
CA VAL D 253 22.66 16.91 -6.29
C VAL D 253 24.04 17.51 -6.15
N ASN D 254 24.95 17.23 -7.07
CA ASN D 254 26.27 17.84 -7.06
C ASN D 254 26.25 19.11 -7.91
N ASP D 255 26.68 20.21 -7.31
CA ASP D 255 26.70 21.49 -8.01
C ASP D 255 27.97 21.60 -8.84
#